data_2LEX
#
_entry.id   2LEX
#
loop_
_entity.id
_entity.type
_entity.pdbx_description
1 polymer 'Probable WRKY transcription factor 4'
2 polymer "DNA (5'-D(*CP*G*CP*CP*TP*TP*TP*GP*AP*CP*CP*AP*GP*CP*GP*C)-3')"
3 polymer "DNA (5'-D(*GP*CP*GP*C*TP*GP*GP*TP*CP*AP*AP*AP*GP*GP*CP*G)-3')"
4 non-polymer 'ZINC ION'
#
loop_
_entity_poly.entity_id
_entity_poly.type
_entity_poly.pdbx_seq_one_letter_code
_entity_poly.pdbx_strand_id
1 'polypeptide(L)' GSSGSSGVQTTSEVDLLDDGYRWRKYGQKVVKGNPYPRSYYKCTTPGCGVRKHVERAATDPKAVVTTYEGKHNHDLPA A
2 'polydeoxyribonucleotide' (DC)(DG)(DC)(DC)(DT)(DT)(DT)(DG)(DA)(DC)(DC)(DA)(DG)(DC)(DG)(DC) B
3 'polydeoxyribonucleotide' (DG)(DC)(DG)(DC)(DT)(DG)(DG)(DT)(DC)(DA)(DA)(DA)(DG)(DG)(DC)(DG) C
#
loop_
_chem_comp.id
_chem_comp.type
_chem_comp.name
_chem_comp.formula
DA DNA linking 2'-DEOXYADENOSINE-5'-MONOPHOSPHATE 'C10 H14 N5 O6 P'
DC DNA linking 2'-DEOXYCYTIDINE-5'-MONOPHOSPHATE 'C9 H14 N3 O7 P'
DG DNA linking 2'-DEOXYGUANOSINE-5'-MONOPHOSPHATE 'C10 H14 N5 O7 P'
DT DNA linking THYMIDINE-5'-MONOPHOSPHATE 'C10 H15 N2 O8 P'
ZN non-polymer 'ZINC ION' 'Zn 2'
#
# COMPACT_ATOMS: atom_id res chain seq x y z
N LEU A 16 3.57 4.58 -9.63
CA LEU A 16 2.44 4.52 -8.67
C LEU A 16 1.10 4.59 -9.40
N LEU A 17 0.42 3.45 -9.50
CA LEU A 17 -0.87 3.38 -10.17
C LEU A 17 -1.90 4.25 -9.44
N ASP A 18 -2.52 5.17 -10.18
CA ASP A 18 -3.52 6.06 -9.60
C ASP A 18 -4.92 5.47 -9.72
N ASP A 19 -5.36 4.79 -8.68
CA ASP A 19 -6.68 4.18 -8.66
C ASP A 19 -7.72 5.12 -8.06
N GLY A 20 -7.25 6.24 -7.52
CA GLY A 20 -8.14 7.21 -6.92
C GLY A 20 -7.76 7.54 -5.50
N TYR A 21 -6.58 8.13 -5.33
CA TYR A 21 -6.06 8.51 -4.01
C TYR A 21 -4.58 8.85 -4.12
N ARG A 22 -4.03 9.44 -3.06
CA ARG A 22 -2.62 9.81 -3.04
C ARG A 22 -1.86 8.97 -2.01
N TRP A 23 -0.86 8.24 -2.46
CA TRP A 23 -0.08 7.37 -1.58
C TRP A 23 1.41 7.67 -1.65
N ARG A 24 2.07 7.61 -0.51
CA ARG A 24 3.50 7.86 -0.42
C ARG A 24 4.23 6.61 0.05
N LYS A 25 4.91 5.93 -0.89
CA LYS A 25 5.65 4.71 -0.56
C LYS A 25 6.53 4.92 0.65
N TYR A 26 6.70 3.87 1.45
CA TYR A 26 7.54 3.97 2.64
C TYR A 26 7.99 2.60 3.15
N GLY A 27 9.30 2.48 3.36
CA GLY A 27 9.87 1.24 3.85
C GLY A 27 10.21 0.25 2.75
N GLN A 28 10.90 -0.81 3.13
CA GLN A 28 11.29 -1.86 2.19
C GLN A 28 11.93 -3.02 2.92
N LYS A 29 11.17 -4.11 3.07
CA LYS A 29 11.66 -5.30 3.76
C LYS A 29 11.33 -6.56 2.98
N VAL A 30 12.13 -7.60 3.20
CA VAL A 30 11.92 -8.87 2.51
C VAL A 30 11.36 -9.92 3.47
N VAL A 31 10.48 -10.78 2.95
CA VAL A 31 9.87 -11.83 3.75
C VAL A 31 10.12 -13.21 3.15
N LYS A 32 10.36 -14.19 4.04
CA LYS A 32 10.60 -15.57 3.62
C LYS A 32 9.28 -16.25 3.29
N GLY A 33 9.34 -17.51 2.87
CA GLY A 33 8.13 -18.22 2.51
C GLY A 33 7.46 -17.61 1.28
N ASN A 34 7.95 -16.43 0.89
CA ASN A 34 7.45 -15.69 -0.25
C ASN A 34 8.55 -14.74 -0.71
N PRO A 35 9.78 -15.28 -0.93
CA PRO A 35 10.96 -14.53 -1.34
C PRO A 35 10.65 -13.25 -2.12
N TYR A 36 10.11 -12.25 -1.43
CA TYR A 36 9.77 -10.99 -2.08
C TYR A 36 9.76 -9.83 -1.09
N PRO A 37 10.13 -8.62 -1.55
CA PRO A 37 10.15 -7.43 -0.71
C PRO A 37 8.78 -6.77 -0.59
N ARG A 38 8.36 -6.50 0.65
CA ARG A 38 7.07 -5.88 0.90
C ARG A 38 7.19 -4.36 0.88
N SER A 39 6.06 -3.68 0.63
CA SER A 39 6.05 -2.23 0.58
C SER A 39 4.86 -1.69 1.39
N TYR A 40 5.08 -0.57 2.08
CA TYR A 40 4.01 0.04 2.87
C TYR A 40 3.66 1.42 2.34
N TYR A 41 2.45 1.55 1.77
CA TYR A 41 1.99 2.81 1.22
C TYR A 41 1.11 3.54 2.21
N LYS A 42 1.40 4.82 2.43
CA LYS A 42 0.62 5.63 3.36
C LYS A 42 -0.08 6.78 2.65
N CYS A 43 -1.40 6.78 2.66
CA CYS A 43 -2.17 7.84 2.03
C CYS A 43 -2.11 9.11 2.87
N THR A 44 -1.94 10.25 2.22
CA THR A 44 -1.87 11.52 2.90
C THR A 44 -2.99 12.44 2.43
N THR A 45 -3.42 13.35 3.29
CA THR A 45 -4.48 14.29 2.95
C THR A 45 -4.69 15.27 4.09
N PRO A 46 -4.98 16.55 3.78
CA PRO A 46 -5.20 17.57 4.81
C PRO A 46 -6.31 17.16 5.77
N GLY A 47 -5.95 16.32 6.74
CA GLY A 47 -6.92 15.86 7.72
C GLY A 47 -7.17 14.37 7.63
N CYS A 48 -6.46 13.69 6.73
CA CYS A 48 -6.63 12.24 6.56
C CYS A 48 -5.29 11.52 6.44
N GLY A 49 -5.29 10.26 6.87
CA GLY A 49 -4.10 9.44 6.82
C GLY A 49 -4.40 7.96 6.93
N VAL A 50 -4.37 7.26 5.80
CA VAL A 50 -4.65 5.82 5.78
C VAL A 50 -3.43 5.06 5.27
N ARG A 51 -3.32 3.79 5.65
CA ARG A 51 -2.18 2.98 5.22
C ARG A 51 -2.64 1.85 4.30
N LYS A 52 -1.76 1.47 3.38
CA LYS A 52 -2.05 0.40 2.43
C LYS A 52 -0.81 -0.47 2.24
N HIS A 53 -1.01 -1.79 2.20
CA HIS A 53 0.10 -2.71 2.04
C HIS A 53 0.02 -3.41 0.68
N VAL A 54 1.19 -3.66 0.09
CA VAL A 54 1.26 -4.33 -1.19
C VAL A 54 2.25 -5.49 -1.16
N GLU A 55 1.77 -6.69 -1.46
CA GLU A 55 2.61 -7.89 -1.46
C GLU A 55 2.39 -8.70 -2.72
N ARG A 56 3.41 -9.44 -3.14
CA ARG A 56 3.32 -10.28 -4.33
C ARG A 56 3.14 -11.74 -3.94
N ALA A 57 2.74 -12.56 -4.92
CA ALA A 57 2.53 -13.97 -4.67
C ALA A 57 3.73 -14.79 -5.15
N ALA A 58 4.37 -15.51 -4.23
CA ALA A 58 5.53 -16.33 -4.54
C ALA A 58 5.33 -17.12 -5.83
N THR A 59 4.22 -17.83 -5.92
CA THR A 59 3.92 -18.65 -7.10
C THR A 59 3.24 -17.83 -8.19
N ASP A 60 3.41 -16.50 -8.15
CA ASP A 60 2.81 -15.63 -9.15
C ASP A 60 3.28 -14.19 -8.96
N PRO A 61 4.45 -13.84 -9.51
CA PRO A 61 5.01 -12.49 -9.39
C PRO A 61 4.12 -11.42 -10.02
N LYS A 62 3.17 -11.85 -10.84
CA LYS A 62 2.27 -10.93 -11.51
C LYS A 62 1.04 -10.64 -10.64
N ALA A 63 0.80 -11.48 -9.65
CA ALA A 63 -0.34 -11.30 -8.75
C ALA A 63 0.05 -10.45 -7.55
N VAL A 64 -0.65 -9.33 -7.37
CA VAL A 64 -0.36 -8.43 -6.25
C VAL A 64 -1.54 -8.35 -5.29
N VAL A 65 -1.23 -8.24 -4.00
CA VAL A 65 -2.26 -8.15 -2.97
C VAL A 65 -2.29 -6.73 -2.38
N THR A 66 -3.48 -6.24 -2.07
CA THR A 66 -3.63 -4.90 -1.51
C THR A 66 -4.54 -4.89 -0.28
N THR A 67 -4.00 -4.40 0.84
CA THR A 67 -4.76 -4.32 2.08
C THR A 67 -4.94 -2.87 2.53
N TYR A 68 -6.17 -2.48 2.79
CA TYR A 68 -6.47 -1.12 3.23
C TYR A 68 -6.79 -1.08 4.72
N GLU A 69 -6.04 -0.27 5.46
CA GLU A 69 -6.25 -0.15 6.90
C GLU A 69 -6.61 1.29 7.27
N GLY A 70 -7.87 1.50 7.66
CA GLY A 70 -8.31 2.83 8.04
C GLY A 70 -9.51 3.30 7.24
N LYS A 71 -9.62 4.62 7.09
CA LYS A 71 -10.71 5.22 6.34
C LYS A 71 -10.32 6.61 5.85
N HIS A 72 -10.86 7.02 4.70
CA HIS A 72 -10.57 8.33 4.14
C HIS A 72 -11.71 9.31 4.38
N ASN A 73 -11.37 10.48 4.91
CA ASN A 73 -12.37 11.51 5.18
C ASN A 73 -12.18 12.72 4.26
N HIS A 74 -12.14 12.47 2.96
CA HIS A 74 -11.97 13.53 1.97
C HIS A 74 -12.38 13.04 0.59
N ASP A 75 -13.55 12.41 0.54
CA ASP A 75 -14.12 11.88 -0.69
C ASP A 75 -13.08 11.15 -1.54
N LEU A 76 -13.55 10.43 -2.56
CA LEU A 76 -12.66 9.68 -3.45
C LEU A 76 -12.12 10.59 -4.55
N PRO A 77 -10.82 10.94 -4.51
CA PRO A 77 -10.19 11.81 -5.50
C PRO A 77 -10.01 11.11 -6.85
N ALA A 78 -9.30 11.78 -7.76
CA ALA A 78 -9.05 11.22 -9.09
C ALA A 78 -7.89 10.24 -9.05
ZN ZN D . -7.05 9.55 2.36
N LEU A 16 1.69 0.14 -7.27
CA LEU A 16 1.21 1.49 -6.87
C LEU A 16 -0.31 1.61 -7.05
N LEU A 17 -1.05 0.68 -6.46
CA LEU A 17 -2.50 0.68 -6.57
C LEU A 17 -3.11 1.77 -5.68
N ASP A 18 -3.33 2.94 -6.25
CA ASP A 18 -3.91 4.05 -5.52
C ASP A 18 -5.42 4.09 -5.71
N ASP A 19 -6.14 4.58 -4.70
CA ASP A 19 -7.59 4.67 -4.75
C ASP A 19 -8.05 6.11 -4.88
N GLY A 20 -7.13 7.01 -5.25
CA GLY A 20 -7.47 8.41 -5.40
C GLY A 20 -6.99 9.26 -4.24
N TYR A 21 -5.99 8.78 -3.51
CA TYR A 21 -5.45 9.52 -2.37
C TYR A 21 -3.94 9.70 -2.52
N ARG A 22 -3.29 10.15 -1.45
CA ARG A 22 -1.85 10.37 -1.47
C ARG A 22 -1.14 9.36 -0.57
N TRP A 23 -0.41 8.43 -1.19
CA TRP A 23 0.31 7.41 -0.43
C TRP A 23 1.81 7.54 -0.63
N ARG A 24 2.56 7.33 0.44
CA ARG A 24 4.01 7.43 0.40
C ARG A 24 4.67 6.06 0.52
N LYS A 25 5.42 5.67 -0.51
CA LYS A 25 6.10 4.37 -0.53
C LYS A 25 7.42 4.42 0.22
N TYR A 26 7.41 3.96 1.46
CA TYR A 26 8.61 4.00 2.30
C TYR A 26 9.00 2.63 2.87
N GLY A 27 10.30 2.45 3.07
CA GLY A 27 10.83 1.23 3.64
C GLY A 27 10.73 0.02 2.74
N GLN A 28 11.58 -0.08 1.73
CA GLN A 28 11.57 -1.22 0.82
C GLN A 28 12.17 -2.45 1.50
N LYS A 29 11.30 -3.35 1.94
CA LYS A 29 11.74 -4.57 2.61
C LYS A 29 11.50 -5.78 1.74
N VAL A 30 12.36 -6.79 1.87
CA VAL A 30 12.22 -8.01 1.09
C VAL A 30 11.93 -9.20 1.99
N VAL A 31 11.17 -10.17 1.48
CA VAL A 31 10.83 -11.36 2.25
C VAL A 31 11.36 -12.62 1.58
N LYS A 32 11.89 -13.53 2.41
CA LYS A 32 12.42 -14.81 1.94
C LYS A 32 11.38 -15.91 2.09
N GLY A 33 11.26 -16.74 1.06
CA GLY A 33 10.25 -17.78 1.05
C GLY A 33 9.11 -17.34 0.16
N ASN A 34 9.14 -16.03 -0.12
CA ASN A 34 8.20 -15.36 -0.99
C ASN A 34 9.01 -14.26 -1.67
N PRO A 35 10.13 -14.65 -2.30
CA PRO A 35 11.06 -13.76 -2.98
C PRO A 35 10.41 -12.55 -3.60
N TYR A 36 10.06 -11.57 -2.78
CA TYR A 36 9.42 -10.37 -3.31
C TYR A 36 9.55 -9.21 -2.33
N PRO A 37 9.84 -7.99 -2.84
CA PRO A 37 9.98 -6.80 -2.01
C PRO A 37 8.65 -6.15 -1.68
N ARG A 38 8.39 -5.94 -0.39
CA ARG A 38 7.16 -5.32 0.05
C ARG A 38 7.33 -3.80 0.16
N SER A 39 6.22 -3.08 0.13
CA SER A 39 6.25 -1.62 0.22
C SER A 39 5.22 -1.13 1.23
N TYR A 40 5.59 -0.11 2.01
CA TYR A 40 4.68 0.44 3.00
C TYR A 40 4.05 1.75 2.51
N TYR A 41 2.89 1.64 1.88
CA TYR A 41 2.19 2.81 1.36
C TYR A 41 1.22 3.33 2.41
N LYS A 42 1.48 4.53 2.93
CA LYS A 42 0.62 5.11 3.95
C LYS A 42 -0.05 6.40 3.47
N CYS A 43 -1.38 6.44 3.57
CA CYS A 43 -2.14 7.61 3.15
C CYS A 43 -2.02 8.71 4.20
N THR A 44 -1.46 9.84 3.79
CA THR A 44 -1.30 10.99 4.66
C THR A 44 -2.36 12.02 4.32
N THR A 45 -2.61 12.97 5.21
CA THR A 45 -3.61 13.99 4.95
C THR A 45 -3.77 14.93 6.15
N PRO A 46 -4.14 16.20 5.92
CA PRO A 46 -4.34 17.18 7.00
C PRO A 46 -5.39 16.72 8.00
N GLY A 47 -4.99 15.85 8.92
CA GLY A 47 -5.92 15.34 9.91
C GLY A 47 -6.27 13.88 9.69
N CYS A 48 -5.65 13.26 8.69
CA CYS A 48 -5.93 11.86 8.38
C CYS A 48 -4.64 11.09 8.14
N GLY A 49 -4.61 9.86 8.65
CA GLY A 49 -3.45 9.00 8.48
C GLY A 49 -3.82 7.53 8.42
N VAL A 50 -3.70 6.95 7.24
CA VAL A 50 -4.02 5.54 7.05
C VAL A 50 -2.85 4.82 6.38
N ARG A 51 -2.80 3.50 6.53
CA ARG A 51 -1.71 2.72 5.95
C ARG A 51 -2.23 1.49 5.22
N LYS A 52 -1.40 0.96 4.33
CA LYS A 52 -1.74 -0.24 3.56
C LYS A 52 -0.46 -0.97 3.16
N HIS A 53 -0.58 -2.26 2.89
CA HIS A 53 0.58 -3.07 2.52
C HIS A 53 0.49 -3.54 1.07
N VAL A 54 1.64 -3.65 0.42
CA VAL A 54 1.70 -4.09 -0.97
C VAL A 54 2.78 -5.14 -1.14
N GLU A 55 2.40 -6.33 -1.61
CA GLU A 55 3.34 -7.42 -1.80
C GLU A 55 2.89 -8.34 -2.94
N ARG A 56 3.77 -9.22 -3.37
CA ARG A 56 3.47 -10.16 -4.45
C ARG A 56 3.32 -11.59 -3.92
N ALA A 57 2.49 -12.36 -4.60
CA ALA A 57 2.24 -13.75 -4.20
C ALA A 57 3.37 -14.68 -4.63
N ALA A 58 3.77 -15.57 -3.73
CA ALA A 58 4.83 -16.53 -4.02
C ALA A 58 4.38 -17.58 -5.05
N THR A 59 3.10 -17.56 -5.41
CA THR A 59 2.57 -18.50 -6.39
C THR A 59 2.00 -17.77 -7.61
N ASP A 60 2.42 -16.52 -7.80
CA ASP A 60 1.95 -15.72 -8.91
C ASP A 60 2.65 -14.36 -8.91
N PRO A 61 3.77 -14.24 -9.63
CA PRO A 61 4.53 -12.98 -9.71
C PRO A 61 3.68 -11.81 -10.17
N LYS A 62 2.56 -12.11 -10.83
CA LYS A 62 1.67 -11.07 -11.33
C LYS A 62 0.51 -10.80 -10.36
N ALA A 63 0.48 -11.54 -9.25
CA ALA A 63 -0.57 -11.36 -8.26
C ALA A 63 -0.10 -10.49 -7.09
N VAL A 64 -0.74 -9.33 -6.93
CA VAL A 64 -0.39 -8.40 -5.86
C VAL A 64 -1.51 -8.28 -4.83
N VAL A 65 -1.14 -8.15 -3.56
CA VAL A 65 -2.12 -8.01 -2.49
C VAL A 65 -2.07 -6.63 -1.86
N THR A 66 -3.24 -6.10 -1.49
CA THR A 66 -3.31 -4.78 -0.86
C THR A 66 -4.20 -4.79 0.38
N THR A 67 -3.58 -4.67 1.55
CA THR A 67 -4.31 -4.65 2.81
C THR A 67 -4.53 -3.23 3.28
N TYR A 68 -5.78 -2.87 3.56
CA TYR A 68 -6.10 -1.52 4.02
C TYR A 68 -6.28 -1.48 5.53
N GLU A 69 -5.42 -0.70 6.20
CA GLU A 69 -5.48 -0.58 7.65
C GLU A 69 -5.84 0.86 8.05
N GLY A 70 -7.09 1.05 8.47
CA GLY A 70 -7.54 2.36 8.87
C GLY A 70 -8.42 3.04 7.84
N LYS A 71 -9.44 3.74 8.31
CA LYS A 71 -10.36 4.45 7.43
C LYS A 71 -9.87 5.87 7.15
N HIS A 72 -10.41 6.48 6.11
CA HIS A 72 -10.03 7.84 5.74
C HIS A 72 -11.03 8.85 6.29
N ASN A 73 -10.49 9.91 6.91
CA ASN A 73 -11.33 10.94 7.50
C ASN A 73 -11.49 12.14 6.56
N HIS A 74 -11.48 11.88 5.25
CA HIS A 74 -11.63 12.94 4.27
C HIS A 74 -12.30 12.41 3.00
N ASP A 75 -13.48 11.82 3.19
CA ASP A 75 -14.27 11.24 2.09
C ASP A 75 -13.47 11.12 0.80
N LEU A 76 -13.46 12.20 0.01
CA LEU A 76 -12.73 12.22 -1.25
C LEU A 76 -12.14 13.61 -1.50
N PRO A 77 -10.81 13.72 -1.65
CA PRO A 77 -10.14 14.99 -1.89
C PRO A 77 -10.21 15.42 -3.36
N ALA A 78 -11.28 16.12 -3.70
CA ALA A 78 -11.47 16.59 -5.07
C ALA A 78 -10.97 18.01 -5.25
ZN ZN D . -6.76 9.29 4.07
N LEU A 16 3.68 1.13 -7.57
CA LEU A 16 2.39 1.87 -7.59
C LEU A 16 2.57 3.30 -8.09
N LEU A 17 1.69 3.73 -8.98
CA LEU A 17 1.76 5.08 -9.54
C LEU A 17 0.67 5.97 -8.94
N ASP A 18 -0.49 5.38 -8.67
CA ASP A 18 -1.60 6.12 -8.11
C ASP A 18 -2.83 5.23 -7.91
N ASP A 19 -3.42 5.29 -6.72
CA ASP A 19 -4.60 4.50 -6.40
C ASP A 19 -5.80 5.42 -6.21
N GLY A 20 -5.84 6.49 -6.99
CA GLY A 20 -6.92 7.45 -6.90
C GLY A 20 -6.67 8.51 -5.84
N TYR A 21 -5.67 8.28 -5.00
CA TYR A 21 -5.33 9.21 -3.94
C TYR A 21 -3.83 9.52 -4.00
N ARG A 22 -3.29 10.09 -2.92
CA ARG A 22 -1.88 10.42 -2.87
C ARG A 22 -1.17 9.54 -1.86
N TRP A 23 -0.39 8.58 -2.36
CA TRP A 23 0.32 7.65 -1.48
C TRP A 23 1.82 7.88 -1.52
N ARG A 24 2.44 7.80 -0.35
CA ARG A 24 3.88 8.01 -0.22
C ARG A 24 4.59 6.70 0.11
N LYS A 25 5.34 6.18 -0.86
CA LYS A 25 6.09 4.94 -0.68
C LYS A 25 7.09 5.12 0.46
N TYR A 26 7.34 4.06 1.23
CA TYR A 26 8.27 4.17 2.34
C TYR A 26 8.75 2.83 2.89
N GLY A 27 10.06 2.79 3.19
CA GLY A 27 10.69 1.61 3.76
C GLY A 27 10.48 0.33 2.97
N GLN A 28 11.31 0.09 1.95
CA GLN A 28 11.20 -1.14 1.17
C GLN A 28 11.96 -2.26 1.88
N LYS A 29 11.38 -3.46 1.88
CA LYS A 29 12.02 -4.61 2.54
C LYS A 29 11.52 -5.94 1.98
N VAL A 30 12.32 -6.98 2.22
CA VAL A 30 11.98 -8.33 1.77
C VAL A 30 11.73 -9.24 2.97
N VAL A 31 10.78 -10.15 2.83
CA VAL A 31 10.45 -11.06 3.92
C VAL A 31 10.52 -12.52 3.49
N LYS A 32 10.79 -13.39 4.47
CA LYS A 32 10.89 -14.83 4.23
C LYS A 32 9.49 -15.43 4.15
N GLY A 33 9.42 -16.77 4.02
CA GLY A 33 8.13 -17.43 3.93
C GLY A 33 7.43 -17.11 2.62
N ASN A 34 7.77 -15.95 2.05
CA ASN A 34 7.21 -15.47 0.81
C ASN A 34 8.26 -14.60 0.12
N PRO A 35 9.43 -15.20 -0.19
CA PRO A 35 10.56 -14.52 -0.84
C PRO A 35 10.17 -13.37 -1.75
N TYR A 36 9.73 -12.27 -1.15
CA TYR A 36 9.32 -11.11 -1.94
C TYR A 36 9.44 -9.80 -1.17
N PRO A 37 9.79 -8.71 -1.87
CA PRO A 37 9.94 -7.38 -1.27
C PRO A 37 8.61 -6.65 -1.17
N ARG A 38 8.29 -6.19 0.03
CA ARG A 38 7.04 -5.47 0.27
C ARG A 38 7.28 -3.97 0.39
N SER A 39 6.26 -3.17 0.11
CA SER A 39 6.36 -1.72 0.19
C SER A 39 5.24 -1.17 1.08
N TYR A 40 5.52 -0.05 1.76
CA TYR A 40 4.53 0.54 2.66
C TYR A 40 4.04 1.90 2.13
N TYR A 41 2.84 1.89 1.56
CA TYR A 41 2.24 3.11 1.02
C TYR A 41 1.23 3.71 1.99
N LYS A 42 1.43 4.97 2.37
CA LYS A 42 0.52 5.64 3.29
C LYS A 42 -0.15 6.85 2.63
N CYS A 43 -1.48 6.85 2.63
CA CYS A 43 -2.25 7.94 2.04
C CYS A 43 -2.34 9.13 3.00
N THR A 44 -1.81 10.27 2.58
CA THR A 44 -1.85 11.47 3.38
C THR A 44 -2.94 12.41 2.86
N THR A 45 -3.23 13.46 3.60
CA THR A 45 -4.23 14.44 3.20
C THR A 45 -4.29 15.55 4.25
N PRO A 46 -5.04 16.63 4.01
CA PRO A 46 -5.14 17.72 4.98
C PRO A 46 -5.60 17.20 6.34
N GLY A 47 -6.69 16.45 6.33
CA GLY A 47 -7.21 15.89 7.57
C GLY A 47 -7.38 14.39 7.50
N CYS A 48 -6.55 13.73 6.71
CA CYS A 48 -6.62 12.29 6.56
C CYS A 48 -5.25 11.64 6.50
N GLY A 49 -5.20 10.41 6.99
CA GLY A 49 -3.97 9.63 7.00
C GLY A 49 -4.24 8.15 7.10
N VAL A 50 -4.03 7.42 6.00
CA VAL A 50 -4.26 5.98 5.98
C VAL A 50 -3.01 5.25 5.51
N ARG A 51 -2.87 3.99 5.91
CA ARG A 51 -1.69 3.21 5.51
C ARG A 51 -2.11 2.00 4.67
N LYS A 52 -1.22 1.58 3.78
CA LYS A 52 -1.48 0.44 2.91
C LYS A 52 -0.22 -0.40 2.72
N HIS A 53 -0.38 -1.72 2.82
CA HIS A 53 0.74 -2.64 2.66
C HIS A 53 0.60 -3.45 1.38
N VAL A 54 1.66 -3.50 0.59
CA VAL A 54 1.64 -4.25 -0.66
C VAL A 54 2.55 -5.47 -0.59
N GLU A 55 1.97 -6.64 -0.80
CA GLU A 55 2.71 -7.89 -0.76
C GLU A 55 2.29 -8.81 -1.90
N ARG A 56 3.21 -9.66 -2.35
CA ARG A 56 2.92 -10.60 -3.42
C ARG A 56 2.72 -12.01 -2.88
N ALA A 57 2.25 -12.91 -3.75
CA ALA A 57 2.02 -14.29 -3.34
C ALA A 57 3.23 -15.16 -3.68
N ALA A 58 3.74 -15.88 -2.68
CA ALA A 58 4.90 -16.74 -2.86
C ALA A 58 4.79 -17.58 -4.12
N THR A 59 3.68 -18.30 -4.27
CA THR A 59 3.48 -19.15 -5.44
C THR A 59 2.78 -18.40 -6.58
N ASP A 60 2.72 -17.07 -6.48
CA ASP A 60 2.09 -16.25 -7.51
C ASP A 60 2.65 -14.84 -7.49
N PRO A 61 3.71 -14.58 -8.28
CA PRO A 61 4.35 -13.26 -8.36
C PRO A 61 3.46 -12.23 -9.04
N LYS A 62 2.52 -12.71 -9.85
CA LYS A 62 1.60 -11.84 -10.57
C LYS A 62 0.46 -11.37 -9.67
N ALA A 63 0.23 -12.08 -8.57
CA ALA A 63 -0.84 -11.72 -7.64
C ALA A 63 -0.32 -10.86 -6.50
N VAL A 64 -0.97 -9.72 -6.27
CA VAL A 64 -0.57 -8.80 -5.22
C VAL A 64 -1.68 -8.62 -4.18
N VAL A 65 -1.27 -8.55 -2.92
CA VAL A 65 -2.21 -8.36 -1.82
C VAL A 65 -2.20 -6.91 -1.33
N THR A 66 -3.37 -6.36 -1.05
CA THR A 66 -3.47 -4.98 -0.59
C THR A 66 -4.35 -4.87 0.65
N THR A 67 -3.80 -4.27 1.70
CA THR A 67 -4.52 -4.08 2.95
C THR A 67 -4.56 -2.61 3.34
N TYR A 68 -5.75 -2.09 3.61
CA TYR A 68 -5.92 -0.70 3.99
C TYR A 68 -6.19 -0.56 5.48
N GLU A 69 -5.42 0.29 6.14
CA GLU A 69 -5.57 0.51 7.57
C GLU A 69 -5.99 1.95 7.86
N GLY A 70 -7.28 2.14 8.19
CA GLY A 70 -7.78 3.46 8.48
C GLY A 70 -9.01 3.81 7.66
N LYS A 71 -9.26 5.10 7.50
CA LYS A 71 -10.41 5.56 6.74
C LYS A 71 -10.11 6.92 6.09
N HIS A 72 -10.51 7.06 4.83
CA HIS A 72 -10.29 8.32 4.11
C HIS A 72 -11.41 9.31 4.39
N ASN A 73 -11.05 10.45 4.96
CA ASN A 73 -12.03 11.49 5.28
C ASN A 73 -11.93 12.65 4.29
N HIS A 74 -11.88 12.33 3.01
CA HIS A 74 -11.78 13.35 1.98
C HIS A 74 -12.34 12.85 0.65
N ASP A 75 -12.88 13.76 -0.15
CA ASP A 75 -13.44 13.40 -1.44
C ASP A 75 -12.33 13.08 -2.44
N LEU A 76 -12.72 12.65 -3.64
CA LEU A 76 -11.74 12.32 -4.67
C LEU A 76 -11.01 13.58 -5.15
N PRO A 77 -9.67 13.60 -5.05
CA PRO A 77 -8.86 14.74 -5.47
C PRO A 77 -8.79 14.87 -6.99
N ALA A 78 -9.78 15.54 -7.58
CA ALA A 78 -9.82 15.73 -9.02
C ALA A 78 -9.22 17.08 -9.41
ZN ZN D . -6.97 9.49 2.28
N LEU A 16 0.21 2.96 -3.71
CA LEU A 16 0.13 4.16 -4.58
C LEU A 16 -0.41 3.79 -5.96
N LEU A 17 -1.73 3.79 -6.08
CA LEU A 17 -2.39 3.46 -7.34
C LEU A 17 -3.25 4.62 -7.82
N ASP A 18 -4.25 4.32 -8.65
CA ASP A 18 -5.14 5.36 -9.16
C ASP A 18 -6.58 5.07 -8.75
N ASP A 19 -6.76 4.65 -7.50
CA ASP A 19 -8.08 4.35 -6.98
C ASP A 19 -8.68 5.62 -6.37
N GLY A 20 -7.82 6.58 -6.06
CA GLY A 20 -8.27 7.82 -5.48
C GLY A 20 -7.64 8.06 -4.13
N TYR A 21 -6.38 8.52 -4.14
CA TYR A 21 -5.64 8.83 -2.91
C TYR A 21 -4.14 8.94 -3.19
N ARG A 22 -3.39 9.36 -2.16
CA ARG A 22 -1.95 9.50 -2.28
C ARG A 22 -1.23 8.57 -1.29
N TRP A 23 -0.30 7.78 -1.81
CA TRP A 23 0.43 6.82 -0.98
C TRP A 23 1.94 6.97 -1.13
N ARG A 24 2.65 6.80 -0.02
CA ARG A 24 4.11 6.91 0.00
C ARG A 24 4.77 5.54 0.10
N LYS A 25 5.69 5.26 -0.83
CA LYS A 25 6.41 3.99 -0.85
C LYS A 25 7.67 4.05 -0.01
N TYR A 26 7.58 3.62 1.25
CA TYR A 26 8.72 3.68 2.15
C TYR A 26 9.06 2.32 2.79
N GLY A 27 10.35 2.15 3.07
CA GLY A 27 10.84 0.94 3.72
C GLY A 27 10.76 -0.30 2.85
N GLN A 28 11.67 -0.46 1.90
CA GLN A 28 11.68 -1.64 1.04
C GLN A 28 12.32 -2.82 1.76
N LYS A 29 11.50 -3.83 2.05
CA LYS A 29 11.96 -5.04 2.73
C LYS A 29 11.57 -6.27 1.93
N VAL A 30 12.37 -7.33 2.01
CA VAL A 30 12.07 -8.57 1.29
C VAL A 30 11.82 -9.73 2.24
N VAL A 31 10.93 -10.64 1.82
CA VAL A 31 10.63 -11.82 2.62
C VAL A 31 11.44 -13.01 2.12
N LYS A 32 11.80 -13.92 3.04
CA LYS A 32 12.58 -15.11 2.70
C LYS A 32 11.66 -16.33 2.57
N GLY A 33 12.01 -17.21 1.65
CA GLY A 33 11.17 -18.36 1.38
C GLY A 33 10.06 -17.95 0.42
N ASN A 34 10.16 -16.69 0.01
CA ASN A 34 9.26 -16.05 -0.91
C ASN A 34 10.01 -14.83 -1.46
N PRO A 35 11.24 -15.08 -1.98
CA PRO A 35 12.13 -14.05 -2.51
C PRO A 35 11.40 -12.89 -3.18
N TYR A 36 10.81 -12.01 -2.38
CA TYR A 36 10.09 -10.87 -2.95
C TYR A 36 10.08 -9.67 -2.02
N PRO A 37 10.44 -8.47 -2.54
CA PRO A 37 10.46 -7.24 -1.76
C PRO A 37 9.11 -6.56 -1.66
N ARG A 38 8.66 -6.32 -0.43
CA ARG A 38 7.38 -5.68 -0.19
C ARG A 38 7.55 -4.16 -0.05
N SER A 39 6.44 -3.44 -0.05
CA SER A 39 6.46 -1.99 0.09
C SER A 39 5.39 -1.53 1.06
N TYR A 40 5.72 -0.52 1.87
CA TYR A 40 4.78 0.00 2.85
C TYR A 40 4.16 1.31 2.37
N TYR A 41 3.00 1.21 1.72
CA TYR A 41 2.29 2.38 1.21
C TYR A 41 1.31 2.90 2.24
N LYS A 42 1.58 4.10 2.76
CA LYS A 42 0.71 4.70 3.77
C LYS A 42 0.06 5.97 3.25
N CYS A 43 -1.28 6.01 3.30
CA CYS A 43 -2.03 7.17 2.85
C CYS A 43 -1.81 8.34 3.79
N THR A 44 -1.49 9.49 3.22
CA THR A 44 -1.27 10.70 3.99
C THR A 44 -2.40 11.68 3.72
N THR A 45 -2.72 12.53 4.70
CA THR A 45 -3.76 13.52 4.54
C THR A 45 -3.75 14.49 5.73
N PRO A 46 -3.91 15.80 5.48
CA PRO A 46 -3.90 16.80 6.55
C PRO A 46 -4.90 16.46 7.65
N GLY A 47 -4.47 15.65 8.61
CA GLY A 47 -5.34 15.25 9.70
C GLY A 47 -5.70 13.77 9.64
N CYS A 48 -5.12 13.04 8.69
CA CYS A 48 -5.40 11.61 8.56
C CYS A 48 -4.15 10.82 8.21
N GLY A 49 -4.20 9.52 8.54
CA GLY A 49 -3.09 8.63 8.27
C GLY A 49 -3.52 7.17 8.22
N VAL A 50 -3.45 6.58 7.03
CA VAL A 50 -3.82 5.18 6.85
C VAL A 50 -2.65 4.41 6.24
N ARG A 51 -2.60 3.10 6.47
CA ARG A 51 -1.52 2.29 5.95
C ARG A 51 -2.02 1.20 5.00
N LYS A 52 -1.18 0.87 4.03
CA LYS A 52 -1.49 -0.17 3.06
C LYS A 52 -0.25 -1.03 2.81
N HIS A 53 -0.44 -2.33 2.67
CA HIS A 53 0.68 -3.24 2.45
C HIS A 53 0.64 -3.84 1.05
N VAL A 54 1.82 -4.13 0.51
CA VAL A 54 1.94 -4.70 -0.83
C VAL A 54 2.99 -5.81 -0.84
N GLU A 55 2.58 -7.00 -1.24
CA GLU A 55 3.48 -8.14 -1.29
C GLU A 55 3.29 -8.93 -2.58
N ARG A 56 4.30 -9.72 -2.93
CA ARG A 56 4.26 -10.54 -4.13
C ARG A 56 4.26 -12.02 -3.77
N ALA A 57 3.34 -12.77 -4.37
CA ALA A 57 3.23 -14.20 -4.10
C ALA A 57 4.29 -14.98 -4.87
N ALA A 58 5.17 -15.65 -4.12
CA ALA A 58 6.24 -16.43 -4.73
C ALA A 58 5.74 -17.26 -5.91
N THR A 59 4.60 -17.93 -5.73
CA THR A 59 4.01 -18.74 -6.78
C THR A 59 2.97 -17.97 -7.59
N ASP A 60 3.06 -16.64 -7.55
CA ASP A 60 2.13 -15.79 -8.28
C ASP A 60 2.53 -14.32 -8.15
N PRO A 61 3.62 -13.93 -8.82
CA PRO A 61 4.13 -12.54 -8.79
C PRO A 61 3.15 -11.54 -9.37
N LYS A 62 2.23 -12.02 -10.20
CA LYS A 62 1.23 -11.15 -10.83
C LYS A 62 0.05 -10.90 -9.90
N ALA A 63 -0.14 -11.78 -8.91
CA ALA A 63 -1.24 -11.64 -7.97
C ALA A 63 -1.15 -10.34 -7.18
N VAL A 64 -0.11 -10.24 -6.35
CA VAL A 64 0.11 -9.05 -5.54
C VAL A 64 -1.01 -8.91 -4.50
N VAL A 65 -0.63 -8.80 -3.24
CA VAL A 65 -1.60 -8.65 -2.15
C VAL A 65 -1.68 -7.20 -1.67
N THR A 66 -2.89 -6.73 -1.40
CA THR A 66 -3.09 -5.36 -0.93
C THR A 66 -3.99 -5.33 0.29
N THR A 67 -3.44 -4.89 1.41
CA THR A 67 -4.20 -4.80 2.66
C THR A 67 -4.34 -3.35 3.12
N TYR A 68 -5.56 -2.94 3.42
CA TYR A 68 -5.82 -1.58 3.89
C TYR A 68 -6.02 -1.55 5.40
N GLU A 69 -5.16 -0.81 6.08
CA GLU A 69 -5.22 -0.70 7.53
C GLU A 69 -5.46 0.74 7.98
N GLY A 70 -6.66 1.02 8.49
CA GLY A 70 -6.98 2.36 8.95
C GLY A 70 -8.01 3.05 8.07
N LYS A 71 -8.90 3.81 8.70
CA LYS A 71 -9.93 4.53 7.99
C LYS A 71 -9.48 5.96 7.67
N HIS A 72 -10.14 6.58 6.70
CA HIS A 72 -9.79 7.94 6.30
C HIS A 72 -10.79 8.95 6.87
N ASN A 73 -10.25 9.98 7.52
CA ASN A 73 -11.09 11.02 8.11
C ASN A 73 -11.04 12.29 7.27
N HIS A 74 -11.51 12.18 6.02
CA HIS A 74 -11.52 13.33 5.12
C HIS A 74 -12.27 13.00 3.83
N ASP A 75 -12.74 14.05 3.15
CA ASP A 75 -13.47 13.88 1.89
C ASP A 75 -12.58 13.25 0.83
N LEU A 76 -11.68 14.05 0.28
CA LEU A 76 -10.76 13.58 -0.75
C LEU A 76 -9.65 14.61 -0.99
N PRO A 77 -8.38 14.22 -0.77
CA PRO A 77 -7.24 15.12 -0.96
C PRO A 77 -7.15 15.64 -2.40
N ALA A 78 -7.92 16.67 -2.70
CA ALA A 78 -7.93 17.25 -4.04
C ALA A 78 -6.90 18.37 -4.15
ZN ZN D . -6.62 9.19 3.97
N LEU A 16 1.56 6.26 -9.49
CA LEU A 16 1.48 5.34 -8.31
C LEU A 16 0.04 4.93 -8.04
N LEU A 17 -0.71 4.66 -9.10
CA LEU A 17 -2.11 4.26 -8.97
C LEU A 17 -2.89 5.26 -8.11
N ASP A 18 -2.74 6.54 -8.44
CA ASP A 18 -3.41 7.60 -7.70
C ASP A 18 -4.85 7.77 -8.20
N ASP A 19 -5.50 8.86 -7.74
CA ASP A 19 -6.88 9.19 -8.09
C ASP A 19 -7.76 9.09 -6.85
N GLY A 20 -7.56 8.03 -6.08
CA GLY A 20 -8.32 7.83 -4.87
C GLY A 20 -7.78 8.70 -3.74
N TYR A 21 -6.74 8.23 -3.09
CA TYR A 21 -6.12 8.96 -1.99
C TYR A 21 -4.61 9.08 -2.19
N ARG A 22 -4.03 10.12 -1.61
CA ARG A 22 -2.59 10.33 -1.73
C ARG A 22 -1.83 9.40 -0.79
N TRP A 23 -0.90 8.63 -1.34
CA TRP A 23 -0.11 7.69 -0.55
C TRP A 23 1.38 8.01 -0.60
N ARG A 24 2.02 7.90 0.56
CA ARG A 24 3.45 8.18 0.66
C ARG A 24 4.22 6.88 0.92
N LYS A 25 5.11 6.53 -0.01
CA LYS A 25 5.92 5.33 0.11
C LYS A 25 6.85 5.42 1.33
N TYR A 26 7.00 4.31 2.05
CA TYR A 26 7.87 4.31 3.21
C TYR A 26 8.32 2.89 3.60
N GLY A 27 9.62 2.76 3.80
CA GLY A 27 10.20 1.48 4.19
C GLY A 27 10.17 0.45 3.10
N GLN A 28 10.75 -0.71 3.39
CA GLN A 28 10.80 -1.83 2.44
C GLN A 28 11.39 -3.06 3.12
N LYS A 29 10.56 -4.08 3.29
CA LYS A 29 11.00 -5.31 3.95
C LYS A 29 10.69 -6.53 3.09
N VAL A 30 11.49 -7.58 3.23
CA VAL A 30 11.28 -8.81 2.48
C VAL A 30 10.92 -9.96 3.40
N VAL A 31 10.07 -10.86 2.92
CA VAL A 31 9.64 -12.00 3.72
C VAL A 31 9.95 -13.32 3.01
N LYS A 32 10.21 -14.35 3.81
CA LYS A 32 10.51 -15.69 3.30
C LYS A 32 9.24 -16.38 2.86
N GLY A 33 9.36 -17.60 2.35
CA GLY A 33 8.17 -18.31 1.87
C GLY A 33 7.56 -17.61 0.66
N ASN A 34 8.05 -16.39 0.41
CA ASN A 34 7.61 -15.56 -0.69
C ASN A 34 8.69 -14.53 -0.94
N PRO A 35 9.94 -14.99 -1.20
CA PRO A 35 11.11 -14.15 -1.42
C PRO A 35 10.79 -12.86 -2.16
N TYR A 36 10.11 -11.94 -1.48
CA TYR A 36 9.72 -10.69 -2.12
C TYR A 36 9.66 -9.53 -1.14
N PRO A 37 10.21 -8.37 -1.51
CA PRO A 37 10.20 -7.17 -0.68
C PRO A 37 8.91 -6.38 -0.82
N ARG A 38 8.28 -6.07 0.30
CA ARG A 38 7.03 -5.33 0.29
C ARG A 38 7.27 -3.83 0.50
N SER A 39 6.19 -3.06 0.44
CA SER A 39 6.26 -1.62 0.63
C SER A 39 5.08 -1.15 1.47
N TYR A 40 5.27 -0.11 2.27
CA TYR A 40 4.20 0.38 3.11
C TYR A 40 3.73 1.78 2.70
N TYR A 41 2.57 1.84 2.08
CA TYR A 41 1.99 3.12 1.62
C TYR A 41 0.92 3.58 2.60
N LYS A 42 1.10 4.77 3.18
CA LYS A 42 0.12 5.29 4.14
C LYS A 42 -0.54 6.57 3.63
N CYS A 43 -1.87 6.53 3.55
CA CYS A 43 -2.64 7.68 3.09
C CYS A 43 -2.67 8.78 4.14
N THR A 44 -2.23 9.96 3.74
CA THR A 44 -2.22 11.11 4.63
C THR A 44 -3.31 12.09 4.23
N THR A 45 -3.70 12.96 5.16
CA THR A 45 -4.73 13.95 4.87
C THR A 45 -4.99 14.82 6.10
N PRO A 46 -5.24 16.13 5.90
CA PRO A 46 -5.49 17.05 7.02
C PRO A 46 -6.62 16.54 7.92
N GLY A 47 -6.27 15.66 8.84
CA GLY A 47 -7.26 15.11 9.75
C GLY A 47 -7.53 13.63 9.50
N CYS A 48 -6.80 13.03 8.55
CA CYS A 48 -6.99 11.62 8.23
C CYS A 48 -5.66 10.90 8.07
N GLY A 49 -5.67 9.61 8.41
CA GLY A 49 -4.48 8.78 8.31
C GLY A 49 -4.81 7.31 8.16
N VAL A 50 -4.57 6.79 6.96
CA VAL A 50 -4.84 5.38 6.67
C VAL A 50 -3.59 4.69 6.13
N ARG A 51 -3.50 3.38 6.31
CA ARG A 51 -2.34 2.63 5.85
C ARG A 51 -2.72 1.62 4.78
N LYS A 52 -1.80 1.40 3.84
CA LYS A 52 -2.01 0.47 2.74
C LYS A 52 -0.75 -0.37 2.52
N HIS A 53 -0.93 -1.66 2.27
CA HIS A 53 0.19 -2.56 2.05
C HIS A 53 0.25 -3.04 0.60
N VAL A 54 1.46 -3.18 0.07
CA VAL A 54 1.65 -3.62 -1.30
C VAL A 54 2.70 -4.74 -1.37
N GLU A 55 2.29 -5.89 -1.88
CA GLU A 55 3.19 -7.04 -1.99
C GLU A 55 3.06 -7.72 -3.36
N ARG A 56 4.12 -8.36 -3.81
CA ARG A 56 4.11 -9.07 -5.08
C ARG A 56 3.85 -10.56 -4.84
N ALA A 57 3.45 -11.28 -5.88
CA ALA A 57 3.18 -12.71 -5.74
C ALA A 57 4.45 -13.54 -5.89
N ALA A 58 4.67 -14.44 -4.94
CA ALA A 58 5.85 -15.31 -4.94
C ALA A 58 6.18 -15.87 -6.32
N THR A 59 5.16 -16.37 -7.01
CA THR A 59 5.34 -16.94 -8.34
C THR A 59 5.03 -15.92 -9.43
N ASP A 60 4.24 -14.92 -9.08
CA ASP A 60 3.85 -13.87 -10.02
C ASP A 60 4.25 -12.49 -9.51
N PRO A 61 5.39 -11.95 -9.99
CA PRO A 61 5.85 -10.62 -9.58
C PRO A 61 4.98 -9.50 -10.15
N LYS A 62 4.05 -9.87 -11.03
CA LYS A 62 3.16 -8.88 -11.65
C LYS A 62 1.78 -8.90 -11.00
N ALA A 63 1.52 -9.89 -10.14
CA ALA A 63 0.24 -9.99 -9.46
C ALA A 63 0.26 -9.24 -8.13
N VAL A 64 0.57 -7.97 -8.22
CA VAL A 64 0.65 -7.11 -7.04
C VAL A 64 -0.61 -7.21 -6.18
N VAL A 65 -0.40 -7.25 -4.86
CA VAL A 65 -1.50 -7.33 -3.91
C VAL A 65 -1.62 -6.03 -3.12
N THR A 66 -2.84 -5.62 -2.80
CA THR A 66 -3.05 -4.38 -2.05
C THR A 66 -4.02 -4.59 -0.88
N THR A 67 -3.55 -4.26 0.32
CA THR A 67 -4.37 -4.40 1.51
C THR A 67 -4.66 -3.04 2.13
N TYR A 68 -5.94 -2.77 2.39
CA TYR A 68 -6.36 -1.50 2.97
C TYR A 68 -6.81 -1.67 4.42
N GLU A 69 -6.16 -0.96 5.33
CA GLU A 69 -6.50 -1.04 6.75
C GLU A 69 -6.76 0.35 7.32
N GLY A 70 -7.98 0.56 7.80
CA GLY A 70 -8.34 1.85 8.37
C GLY A 70 -9.57 2.44 7.73
N LYS A 71 -9.71 3.77 7.81
CA LYS A 71 -10.85 4.47 7.23
C LYS A 71 -10.52 5.92 6.96
N HIS A 72 -11.12 6.49 5.92
CA HIS A 72 -10.88 7.87 5.56
C HIS A 72 -12.10 8.74 5.89
N ASN A 73 -11.86 9.79 6.66
CA ASN A 73 -12.94 10.71 7.05
C ASN A 73 -12.87 12.01 6.25
N HIS A 74 -12.88 11.88 4.93
CA HIS A 74 -12.80 13.04 4.05
C HIS A 74 -13.32 12.70 2.65
N ASP A 75 -13.80 13.73 1.95
CA ASP A 75 -14.32 13.54 0.60
C ASP A 75 -13.26 12.95 -0.32
N LEU A 76 -13.70 12.33 -1.41
CA LEU A 76 -12.79 11.72 -2.37
C LEU A 76 -12.20 12.78 -3.31
N PRO A 77 -10.87 13.02 -3.20
CA PRO A 77 -10.20 14.00 -4.04
C PRO A 77 -9.81 13.44 -5.40
N ALA A 78 -8.99 14.18 -6.14
CA ALA A 78 -8.54 13.74 -7.46
C ALA A 78 -7.18 13.08 -7.38
ZN ZN D . -7.45 9.34 3.79
N LEU A 16 1.77 1.95 -7.12
CA LEU A 16 0.85 0.93 -7.66
C LEU A 16 -0.52 1.53 -8.00
N LEU A 17 -0.51 2.56 -8.84
CA LEU A 17 -1.73 3.23 -9.26
C LEU A 17 -2.39 3.95 -8.09
N ASP A 18 -3.18 3.23 -7.30
CA ASP A 18 -3.89 3.83 -6.16
C ASP A 18 -4.96 4.77 -6.67
N ASP A 19 -5.90 4.22 -7.45
CA ASP A 19 -6.98 5.00 -8.03
C ASP A 19 -6.44 6.37 -8.39
N GLY A 20 -6.75 7.37 -7.58
CA GLY A 20 -6.25 8.70 -7.81
C GLY A 20 -5.99 9.33 -6.47
N TYR A 21 -5.71 8.49 -5.48
CA TYR A 21 -5.46 8.95 -4.13
C TYR A 21 -3.97 9.25 -3.94
N ARG A 22 -3.68 10.18 -3.03
CA ARG A 22 -2.30 10.57 -2.76
C ARG A 22 -1.67 9.67 -1.71
N TRP A 23 -0.66 8.90 -2.12
CA TRP A 23 0.03 7.99 -1.21
C TRP A 23 1.53 8.26 -1.21
N ARG A 24 2.14 8.13 -0.04
CA ARG A 24 3.57 8.33 0.10
C ARG A 24 4.26 7.04 0.53
N LYS A 25 4.79 6.30 -0.44
CA LYS A 25 5.47 5.05 -0.15
C LYS A 25 6.53 5.25 0.92
N TYR A 26 6.86 4.21 1.67
CA TYR A 26 7.85 4.34 2.73
C TYR A 26 8.35 2.99 3.24
N GLY A 27 9.67 2.88 3.35
CA GLY A 27 10.29 1.67 3.85
C GLY A 27 10.70 0.68 2.77
N GLN A 28 11.38 -0.37 3.20
CA GLN A 28 11.85 -1.43 2.32
C GLN A 28 12.46 -2.55 3.15
N LYS A 29 11.94 -3.76 2.96
CA LYS A 29 12.43 -4.92 3.70
C LYS A 29 11.84 -6.20 3.12
N VAL A 30 12.65 -7.25 3.06
CA VAL A 30 12.19 -8.52 2.52
C VAL A 30 11.80 -9.49 3.63
N VAL A 31 10.86 -10.37 3.33
CA VAL A 31 10.41 -11.35 4.29
C VAL A 31 10.61 -12.76 3.76
N LYS A 32 10.90 -13.70 4.67
CA LYS A 32 11.12 -15.09 4.30
C LYS A 32 9.80 -15.78 3.98
N GLY A 33 9.88 -17.02 3.52
CA GLY A 33 8.66 -17.74 3.16
C GLY A 33 8.02 -17.16 1.91
N ASN A 34 8.51 -15.98 1.52
CA ASN A 34 8.02 -15.27 0.35
C ASN A 34 9.09 -14.27 -0.08
N PRO A 35 10.34 -14.77 -0.25
CA PRO A 35 11.51 -13.97 -0.62
C PRO A 35 11.19 -12.73 -1.43
N TYR A 36 10.60 -11.73 -0.78
CA TYR A 36 10.24 -10.50 -1.48
C TYR A 36 10.21 -9.29 -0.54
N PRO A 37 10.55 -8.10 -1.08
CA PRO A 37 10.56 -6.86 -0.31
C PRO A 37 9.17 -6.25 -0.18
N ARG A 38 8.79 -5.93 1.04
CA ARG A 38 7.47 -5.34 1.30
C ARG A 38 7.53 -3.83 1.18
N SER A 39 6.38 -3.23 0.90
CA SER A 39 6.28 -1.78 0.76
C SER A 39 5.19 -1.23 1.67
N TYR A 40 5.46 -0.09 2.30
CA TYR A 40 4.49 0.54 3.20
C TYR A 40 4.06 1.89 2.64
N TYR A 41 2.81 1.98 2.19
CA TYR A 41 2.29 3.22 1.63
C TYR A 41 1.45 3.99 2.65
N LYS A 42 1.66 5.30 2.68
CA LYS A 42 0.92 6.16 3.61
C LYS A 42 0.17 7.26 2.86
N CYS A 43 -1.15 7.24 2.95
CA CYS A 43 -1.98 8.24 2.30
C CYS A 43 -2.08 9.49 3.17
N THR A 44 -1.88 10.65 2.54
CA THR A 44 -1.97 11.92 3.25
C THR A 44 -3.17 12.70 2.74
N THR A 45 -3.76 13.51 3.61
CA THR A 45 -4.91 14.32 3.23
C THR A 45 -5.23 15.33 4.33
N PRO A 46 -5.59 16.56 3.97
CA PRO A 46 -5.93 17.60 4.95
C PRO A 46 -6.97 17.13 5.96
N GLY A 47 -6.54 16.38 6.96
CA GLY A 47 -7.45 15.88 7.97
C GLY A 47 -7.58 14.36 7.95
N CYS A 48 -6.83 13.70 7.07
CA CYS A 48 -6.90 12.24 6.97
C CYS A 48 -5.50 11.62 6.86
N GLY A 49 -5.41 10.37 7.33
CA GLY A 49 -4.16 9.63 7.28
C GLY A 49 -4.39 8.13 7.30
N VAL A 50 -4.18 7.49 6.15
CA VAL A 50 -4.37 6.04 6.02
C VAL A 50 -3.08 5.37 5.54
N ARG A 51 -2.88 4.12 5.94
CA ARG A 51 -1.69 3.38 5.53
C ARG A 51 -2.07 2.29 4.52
N LYS A 52 -1.07 1.55 4.05
CA LYS A 52 -1.30 0.48 3.09
C LYS A 52 -0.08 -0.41 2.97
N HIS A 53 -0.31 -1.71 2.86
CA HIS A 53 0.78 -2.68 2.73
C HIS A 53 0.78 -3.31 1.35
N VAL A 54 1.96 -3.42 0.76
CA VAL A 54 2.09 -4.01 -0.57
C VAL A 54 3.21 -5.05 -0.59
N GLU A 55 2.85 -6.28 -0.95
CA GLU A 55 3.82 -7.37 -1.00
C GLU A 55 3.65 -8.20 -2.28
N ARG A 56 4.72 -8.85 -2.69
CA ARG A 56 4.71 -9.68 -3.88
C ARG A 56 4.47 -11.15 -3.51
N ALA A 57 4.12 -11.97 -4.50
CA ALA A 57 3.86 -13.38 -4.27
C ALA A 57 5.13 -14.21 -4.49
N ALA A 58 5.45 -15.06 -3.51
CA ALA A 58 6.63 -15.91 -3.57
C ALA A 58 6.74 -16.64 -4.92
N THR A 59 5.67 -17.32 -5.32
CA THR A 59 5.68 -18.05 -6.57
C THR A 59 5.03 -17.25 -7.69
N ASP A 60 5.15 -15.93 -7.62
CA ASP A 60 4.59 -15.04 -8.63
C ASP A 60 5.01 -13.60 -8.40
N PRO A 61 6.15 -13.19 -9.00
CA PRO A 61 6.65 -11.82 -8.86
C PRO A 61 5.73 -10.79 -9.52
N LYS A 62 4.79 -11.28 -10.33
CA LYS A 62 3.86 -10.39 -11.02
C LYS A 62 2.60 -10.16 -10.17
N ALA A 63 2.35 -11.06 -9.22
CA ALA A 63 1.19 -10.93 -8.34
C ALA A 63 1.53 -10.12 -7.10
N VAL A 64 0.71 -9.12 -6.80
CA VAL A 64 0.94 -8.27 -5.65
C VAL A 64 -0.25 -8.28 -4.69
N VAL A 65 0.04 -8.13 -3.41
CA VAL A 65 -1.00 -8.11 -2.38
C VAL A 65 -1.16 -6.69 -1.85
N THR A 66 -2.40 -6.29 -1.54
CA THR A 66 -2.65 -4.95 -1.03
C THR A 66 -3.55 -4.96 0.20
N THR A 67 -3.06 -4.38 1.29
CA THR A 67 -3.81 -4.30 2.53
C THR A 67 -4.04 -2.85 2.93
N TYR A 68 -5.29 -2.49 3.19
CA TYR A 68 -5.63 -1.12 3.58
C TYR A 68 -5.84 -1.00 5.09
N GLU A 69 -5.08 -0.13 5.72
CA GLU A 69 -5.18 0.07 7.16
C GLU A 69 -5.87 1.40 7.48
N GLY A 70 -7.17 1.33 7.75
CA GLY A 70 -7.92 2.53 8.06
C GLY A 70 -8.57 3.16 6.85
N LYS A 71 -9.75 3.74 7.03
CA LYS A 71 -10.47 4.37 5.92
C LYS A 71 -10.12 5.85 5.84
N HIS A 72 -10.70 6.53 4.85
CA HIS A 72 -10.45 7.96 4.66
C HIS A 72 -11.74 8.76 4.81
N ASN A 73 -11.64 9.91 5.46
CA ASN A 73 -12.79 10.77 5.66
C ASN A 73 -12.75 11.96 4.71
N HIS A 74 -12.66 11.67 3.41
CA HIS A 74 -12.63 12.71 2.40
C HIS A 74 -12.96 12.14 1.02
N ASP A 75 -13.67 12.92 0.21
CA ASP A 75 -14.06 12.48 -1.12
C ASP A 75 -12.84 12.46 -2.05
N LEU A 76 -13.07 12.09 -3.31
CA LEU A 76 -11.99 12.05 -4.29
C LEU A 76 -11.51 13.46 -4.62
N PRO A 77 -10.20 13.73 -4.45
CA PRO A 77 -9.62 15.05 -4.73
C PRO A 77 -9.48 15.31 -6.22
N ALA A 78 -10.60 15.68 -6.86
CA ALA A 78 -10.61 15.96 -8.29
C ALA A 78 -9.97 14.82 -9.09
ZN ZN D . -6.96 9.63 2.38
N LEU A 16 -1.08 2.33 -5.73
CA LEU A 16 0.13 2.64 -6.54
C LEU A 16 -0.24 3.09 -7.95
N LEU A 17 -1.29 3.90 -8.05
CA LEU A 17 -1.76 4.38 -9.34
C LEU A 17 -2.95 5.33 -9.16
N ASP A 18 -2.80 6.30 -8.26
CA ASP A 18 -3.84 7.28 -7.99
C ASP A 18 -5.23 6.63 -7.90
N ASP A 19 -5.39 5.75 -6.92
CA ASP A 19 -6.66 5.06 -6.72
C ASP A 19 -7.71 6.02 -6.15
N GLY A 20 -7.25 7.17 -5.64
CA GLY A 20 -8.16 8.14 -5.07
C GLY A 20 -7.52 8.92 -3.94
N TYR A 21 -6.58 8.28 -3.24
CA TYR A 21 -5.89 8.92 -2.13
C TYR A 21 -4.40 9.10 -2.45
N ARG A 22 -3.64 9.55 -1.46
CA ARG A 22 -2.21 9.76 -1.63
C ARG A 22 -1.43 8.84 -0.71
N TRP A 23 -0.59 7.98 -1.29
CA TRP A 23 0.20 7.04 -0.51
C TRP A 23 1.69 7.31 -0.63
N ARG A 24 2.38 7.23 0.50
CA ARG A 24 3.81 7.48 0.55
C ARG A 24 4.57 6.19 0.83
N LYS A 25 5.51 5.86 -0.06
CA LYS A 25 6.32 4.65 0.08
C LYS A 25 7.34 4.80 1.21
N TYR A 26 7.57 3.71 1.96
CA TYR A 26 8.55 3.76 3.04
C TYR A 26 8.80 2.41 3.72
N GLY A 27 10.07 2.19 4.05
CA GLY A 27 10.47 0.98 4.75
C GLY A 27 10.65 -0.23 3.87
N GLN A 28 11.72 -0.26 3.07
CA GLN A 28 11.98 -1.40 2.21
C GLN A 28 12.54 -2.56 3.04
N LYS A 29 11.78 -3.64 3.12
CA LYS A 29 12.19 -4.82 3.89
C LYS A 29 11.98 -6.08 3.06
N VAL A 30 12.72 -7.14 3.38
CA VAL A 30 12.60 -8.41 2.67
C VAL A 30 12.08 -9.50 3.59
N VAL A 31 11.24 -10.37 3.06
CA VAL A 31 10.67 -11.46 3.85
C VAL A 31 10.96 -12.82 3.20
N LYS A 32 11.16 -13.83 4.05
CA LYS A 32 11.44 -15.19 3.60
C LYS A 32 10.15 -15.90 3.23
N GLY A 33 10.25 -17.16 2.82
CA GLY A 33 9.07 -17.91 2.41
C GLY A 33 8.44 -17.32 1.15
N ASN A 34 8.94 -16.15 0.78
CA ASN A 34 8.48 -15.43 -0.41
C ASN A 34 9.55 -14.42 -0.78
N PRO A 35 10.81 -14.89 -0.97
CA PRO A 35 11.96 -14.06 -1.30
C PRO A 35 11.63 -12.80 -2.08
N TYR A 36 11.01 -11.83 -1.41
CA TYR A 36 10.64 -10.58 -2.06
C TYR A 36 10.61 -9.41 -1.08
N PRO A 37 10.96 -8.19 -1.56
CA PRO A 37 10.98 -7.00 -0.73
C PRO A 37 9.59 -6.35 -0.59
N ARG A 38 9.17 -6.15 0.64
CA ARG A 38 7.86 -5.55 0.92
C ARG A 38 7.97 -4.02 0.95
N SER A 39 6.86 -3.35 0.67
CA SER A 39 6.81 -1.90 0.69
C SER A 39 5.63 -1.43 1.55
N TYR A 40 5.85 -0.42 2.37
CA TYR A 40 4.78 0.09 3.23
C TYR A 40 4.24 1.42 2.73
N TYR A 41 3.08 1.37 2.08
CA TYR A 41 2.43 2.58 1.56
C TYR A 41 1.33 3.01 2.51
N LYS A 42 1.48 4.17 3.15
CA LYS A 42 0.47 4.66 4.08
C LYS A 42 -0.17 5.94 3.57
N CYS A 43 -1.50 5.96 3.54
CA CYS A 43 -2.23 7.13 3.08
C CYS A 43 -2.24 8.22 4.14
N THR A 44 -1.64 9.35 3.81
CA THR A 44 -1.61 10.48 4.72
C THR A 44 -2.68 11.47 4.30
N THR A 45 -3.10 12.34 5.21
CA THR A 45 -4.12 13.33 4.90
C THR A 45 -4.32 14.24 6.11
N PRO A 46 -4.52 15.55 5.88
CA PRO A 46 -4.73 16.51 6.97
C PRO A 46 -5.88 16.06 7.90
N GLY A 47 -5.56 15.19 8.86
CA GLY A 47 -6.56 14.70 9.78
C GLY A 47 -6.88 13.23 9.59
N CYS A 48 -6.17 12.57 8.67
CA CYS A 48 -6.40 11.16 8.40
C CYS A 48 -5.10 10.39 8.18
N GLY A 49 -5.15 9.09 8.44
CA GLY A 49 -4.01 8.23 8.26
C GLY A 49 -4.39 6.77 8.10
N VAL A 50 -4.15 6.22 6.92
CA VAL A 50 -4.46 4.83 6.64
C VAL A 50 -3.21 4.10 6.13
N ARG A 51 -3.18 2.78 6.27
CA ARG A 51 -2.02 2.01 5.83
C ARG A 51 -2.38 1.04 4.71
N LYS A 52 -1.46 0.90 3.76
CA LYS A 52 -1.64 -0.01 2.62
C LYS A 52 -0.37 -0.82 2.42
N HIS A 53 -0.52 -2.11 2.17
CA HIS A 53 0.63 -2.99 1.99
C HIS A 53 0.74 -3.48 0.55
N VAL A 54 1.98 -3.61 0.07
CA VAL A 54 2.24 -4.08 -1.28
C VAL A 54 3.31 -5.16 -1.27
N GLU A 55 2.98 -6.35 -1.78
CA GLU A 55 3.92 -7.45 -1.80
C GLU A 55 3.87 -8.21 -3.12
N ARG A 56 4.94 -8.92 -3.42
CA ARG A 56 5.03 -9.71 -4.63
C ARG A 56 4.78 -11.19 -4.33
N ALA A 57 4.41 -11.95 -5.35
CA ALA A 57 4.16 -13.37 -5.16
C ALA A 57 5.41 -14.20 -5.41
N ALA A 58 5.76 -15.02 -4.43
CA ALA A 58 6.94 -15.88 -4.51
C ALA A 58 7.07 -16.54 -5.89
N THR A 59 5.99 -17.13 -6.36
CA THR A 59 5.99 -17.79 -7.66
C THR A 59 5.66 -16.80 -8.78
N ASP A 60 4.91 -15.77 -8.44
CA ASP A 60 4.52 -14.75 -9.41
C ASP A 60 5.19 -13.40 -9.10
N PRO A 61 6.39 -13.16 -9.66
CA PRO A 61 7.11 -11.91 -9.44
C PRO A 61 6.40 -10.70 -10.06
N LYS A 62 5.41 -10.97 -10.92
CA LYS A 62 4.65 -9.92 -11.57
C LYS A 62 3.34 -9.65 -10.85
N ALA A 63 2.91 -10.60 -10.01
CA ALA A 63 1.68 -10.45 -9.26
C ALA A 63 1.93 -9.72 -7.95
N VAL A 64 1.16 -8.67 -7.70
CA VAL A 64 1.31 -7.89 -6.49
C VAL A 64 0.05 -7.95 -5.62
N VAL A 65 0.25 -7.97 -4.31
CA VAL A 65 -0.85 -8.02 -3.36
C VAL A 65 -1.08 -6.64 -2.73
N THR A 66 -2.34 -6.29 -2.50
CA THR A 66 -2.66 -5.00 -1.90
C THR A 66 -3.66 -5.14 -0.76
N THR A 67 -3.23 -4.74 0.44
CA THR A 67 -4.09 -4.81 1.61
C THR A 67 -4.33 -3.41 2.19
N TYR A 68 -5.60 -3.09 2.45
CA TYR A 68 -5.95 -1.79 3.00
C TYR A 68 -6.25 -1.88 4.49
N GLU A 69 -5.45 -1.19 5.30
CA GLU A 69 -5.62 -1.20 6.75
C GLU A 69 -6.03 0.19 7.25
N GLY A 70 -7.28 0.33 7.65
CA GLY A 70 -7.77 1.61 8.16
C GLY A 70 -8.57 2.38 7.12
N LYS A 71 -9.49 3.20 7.61
CA LYS A 71 -10.34 4.00 6.74
C LYS A 71 -9.91 5.47 6.77
N HIS A 72 -10.39 6.25 5.81
CA HIS A 72 -10.05 7.67 5.72
C HIS A 72 -11.20 8.55 6.19
N ASN A 73 -10.87 9.59 6.96
CA ASN A 73 -11.87 10.50 7.47
C ASN A 73 -12.06 11.70 6.54
N HIS A 74 -11.73 11.52 5.27
CA HIS A 74 -11.87 12.59 4.28
C HIS A 74 -12.37 12.02 2.95
N ASP A 75 -13.50 11.32 3.03
CA ASP A 75 -14.15 10.70 1.86
C ASP A 75 -13.15 10.34 0.76
N LEU A 76 -13.66 10.19 -0.46
CA LEU A 76 -12.81 9.86 -1.61
C LEU A 76 -12.42 11.13 -2.37
N PRO A 77 -11.14 11.53 -2.28
CA PRO A 77 -10.64 12.73 -2.95
C PRO A 77 -10.78 12.64 -4.47
N ALA A 78 -11.95 12.98 -4.98
CA ALA A 78 -12.22 12.94 -6.41
C ALA A 78 -11.70 14.20 -7.10
ZN ZN D . -6.83 9.14 3.61
N LEU A 16 -0.35 -0.53 -9.05
CA LEU A 16 -0.32 0.16 -7.74
C LEU A 16 0.30 1.54 -7.85
N LEU A 17 -0.03 2.25 -8.93
CA LEU A 17 0.49 3.59 -9.16
C LEU A 17 -0.51 4.66 -8.72
N ASP A 18 -1.78 4.29 -8.68
CA ASP A 18 -2.83 5.23 -8.28
C ASP A 18 -4.18 4.53 -8.23
N ASP A 19 -4.86 4.64 -7.08
CA ASP A 19 -6.17 4.02 -6.90
C ASP A 19 -7.22 5.06 -6.54
N GLY A 20 -6.88 6.33 -6.74
CA GLY A 20 -7.82 7.40 -6.43
C GLY A 20 -7.35 8.25 -5.27
N TYR A 21 -6.41 7.73 -4.49
CA TYR A 21 -5.89 8.45 -3.33
C TYR A 21 -4.36 8.59 -3.43
N ARG A 22 -3.84 9.63 -2.80
CA ARG A 22 -2.40 9.87 -2.80
C ARG A 22 -1.71 8.99 -1.76
N TRP A 23 -0.71 8.23 -2.20
CA TRP A 23 0.03 7.34 -1.31
C TRP A 23 1.52 7.66 -1.35
N ARG A 24 2.16 7.58 -0.19
CA ARG A 24 3.59 7.84 -0.10
C ARG A 24 4.37 6.57 0.22
N LYS A 25 5.27 6.20 -0.69
CA LYS A 25 6.08 5.01 -0.53
C LYS A 25 7.02 5.15 0.66
N TYR A 26 7.10 4.11 1.49
CA TYR A 26 7.98 4.16 2.66
C TYR A 26 8.40 2.77 3.14
N GLY A 27 9.71 2.63 3.33
CA GLY A 27 10.27 1.38 3.81
C GLY A 27 10.37 0.31 2.74
N GLN A 28 10.93 -0.83 3.14
CA GLN A 28 11.11 -1.97 2.25
C GLN A 28 11.48 -3.20 3.09
N LYS A 29 11.10 -4.39 2.63
CA LYS A 29 11.40 -5.60 3.37
C LYS A 29 11.09 -6.85 2.54
N VAL A 30 11.95 -7.86 2.67
CA VAL A 30 11.76 -9.11 1.95
C VAL A 30 11.27 -10.19 2.91
N VAL A 31 10.42 -11.08 2.41
CA VAL A 31 9.87 -12.15 3.25
C VAL A 31 10.01 -13.52 2.60
N LYS A 32 10.20 -14.53 3.46
CA LYS A 32 10.35 -15.91 3.01
C LYS A 32 8.99 -16.51 2.71
N GLY A 33 8.97 -17.78 2.29
CA GLY A 33 7.71 -18.43 1.95
C GLY A 33 7.07 -17.81 0.72
N ASN A 34 7.55 -16.61 0.36
CA ASN A 34 7.06 -15.87 -0.79
C ASN A 34 8.15 -14.90 -1.21
N PRO A 35 9.38 -15.42 -1.46
CA PRO A 35 10.55 -14.64 -1.85
C PRO A 35 10.23 -13.37 -2.61
N TYR A 36 9.70 -12.37 -1.91
CA TYR A 36 9.36 -11.11 -2.55
C TYR A 36 9.42 -9.94 -1.57
N PRO A 37 9.85 -8.76 -2.04
CA PRO A 37 9.95 -7.57 -1.21
C PRO A 37 8.61 -6.83 -1.10
N ARG A 38 8.24 -6.47 0.12
CA ARG A 38 6.99 -5.76 0.36
C ARG A 38 7.24 -4.27 0.52
N SER A 39 6.16 -3.49 0.43
CA SER A 39 6.25 -2.04 0.56
C SER A 39 5.14 -1.51 1.46
N TYR A 40 5.42 -0.42 2.18
CA TYR A 40 4.44 0.16 3.07
C TYR A 40 3.93 1.50 2.54
N TYR A 41 2.75 1.48 1.91
CA TYR A 41 2.16 2.70 1.34
C TYR A 41 1.11 3.28 2.29
N LYS A 42 1.30 4.54 2.66
CA LYS A 42 0.37 5.20 3.57
C LYS A 42 -0.34 6.38 2.91
N CYS A 43 -1.66 6.29 2.79
CA CYS A 43 -2.46 7.35 2.20
C CYS A 43 -2.49 8.54 3.15
N THR A 44 -2.15 9.72 2.63
CA THR A 44 -2.14 10.92 3.43
C THR A 44 -3.28 11.85 3.02
N THR A 45 -3.59 12.81 3.88
CA THR A 45 -4.64 13.78 3.64
C THR A 45 -4.59 14.83 4.75
N PRO A 46 -5.30 15.96 4.62
CA PRO A 46 -5.28 16.99 5.65
C PRO A 46 -5.59 16.40 7.03
N GLY A 47 -6.69 15.67 7.11
CA GLY A 47 -7.08 15.06 8.38
C GLY A 47 -7.26 13.55 8.27
N CYS A 48 -6.48 12.91 7.41
CA CYS A 48 -6.59 11.46 7.25
C CYS A 48 -5.23 10.79 7.02
N GLY A 49 -5.14 9.56 7.51
CA GLY A 49 -3.93 8.77 7.38
C GLY A 49 -4.24 7.28 7.40
N VAL A 50 -4.10 6.63 6.25
CA VAL A 50 -4.36 5.20 6.15
C VAL A 50 -3.15 4.48 5.57
N ARG A 51 -3.02 3.18 5.88
CA ARG A 51 -1.89 2.39 5.41
C ARG A 51 -2.32 1.47 4.27
N LYS A 52 -1.34 0.76 3.70
CA LYS A 52 -1.59 -0.17 2.62
C LYS A 52 -0.35 -1.02 2.33
N HIS A 53 -0.55 -2.32 2.14
CA HIS A 53 0.55 -3.22 1.86
C HIS A 53 0.48 -3.74 0.43
N VAL A 54 1.63 -3.80 -0.23
CA VAL A 54 1.71 -4.28 -1.60
C VAL A 54 2.77 -5.36 -1.76
N GLU A 55 2.34 -6.54 -2.22
CA GLU A 55 3.25 -7.66 -2.41
C GLU A 55 2.80 -8.52 -3.59
N ARG A 56 3.71 -9.35 -4.10
CA ARG A 56 3.40 -10.22 -5.24
C ARG A 56 3.27 -11.67 -4.79
N ALA A 57 2.74 -12.51 -5.68
CA ALA A 57 2.55 -13.92 -5.37
C ALA A 57 3.78 -14.74 -5.73
N ALA A 58 4.24 -15.54 -4.78
CA ALA A 58 5.43 -16.38 -4.96
C ALA A 58 5.42 -17.09 -6.32
N THR A 59 4.33 -17.78 -6.61
CA THR A 59 4.20 -18.50 -7.87
C THR A 59 3.71 -17.59 -8.99
N ASP A 60 2.95 -16.56 -8.60
CA ASP A 60 2.40 -15.62 -9.57
C ASP A 60 3.02 -14.23 -9.40
N PRO A 61 4.15 -13.97 -10.09
CA PRO A 61 4.84 -12.68 -10.01
C PRO A 61 4.01 -11.56 -10.64
N LYS A 62 3.06 -11.94 -11.50
CA LYS A 62 2.21 -10.98 -12.17
C LYS A 62 1.04 -10.58 -11.28
N ALA A 63 0.69 -11.45 -10.33
CA ALA A 63 -0.41 -11.18 -9.41
C ALA A 63 0.06 -10.38 -8.21
N VAL A 64 -0.62 -9.28 -7.91
CA VAL A 64 -0.26 -8.44 -6.78
C VAL A 64 -1.38 -8.40 -5.74
N VAL A 65 -1.01 -8.36 -4.48
CA VAL A 65 -1.98 -8.31 -3.39
C VAL A 65 -2.01 -6.92 -2.75
N THR A 66 -3.21 -6.46 -2.40
CA THR A 66 -3.36 -5.15 -1.79
C THR A 66 -4.25 -5.20 -0.56
N THR A 67 -3.72 -4.75 0.57
CA THR A 67 -4.46 -4.74 1.83
C THR A 67 -4.62 -3.32 2.36
N TYR A 68 -5.86 -2.95 2.66
CA TYR A 68 -6.15 -1.61 3.18
C TYR A 68 -6.33 -1.63 4.68
N GLU A 69 -5.48 -0.88 5.39
CA GLU A 69 -5.56 -0.81 6.85
C GLU A 69 -5.90 0.60 7.33
N GLY A 70 -7.14 0.78 7.78
CA GLY A 70 -7.57 2.08 8.26
C GLY A 70 -8.87 2.54 7.63
N LYS A 71 -9.10 3.85 7.64
CA LYS A 71 -10.32 4.42 7.07
C LYS A 71 -10.07 5.86 6.61
N HIS A 72 -10.66 6.22 5.47
CA HIS A 72 -10.50 7.57 4.93
C HIS A 72 -11.70 8.44 5.28
N ASN A 73 -11.44 9.57 5.94
CA ASN A 73 -12.50 10.48 6.34
C ASN A 73 -12.53 11.73 5.46
N HIS A 74 -12.25 11.54 4.16
CA HIS A 74 -12.25 12.66 3.22
C HIS A 74 -13.15 12.34 2.01
N ASP A 75 -12.59 12.37 0.80
CA ASP A 75 -13.34 12.07 -0.41
C ASP A 75 -12.38 11.82 -1.56
N LEU A 76 -12.90 11.58 -2.74
CA LEU A 76 -12.06 11.33 -3.91
C LEU A 76 -11.43 12.63 -4.41
N PRO A 77 -10.11 12.79 -4.26
CA PRO A 77 -9.41 14.00 -4.70
C PRO A 77 -9.11 13.99 -6.19
N ALA A 78 -10.11 14.32 -6.98
CA ALA A 78 -9.97 14.35 -8.43
C ALA A 78 -9.31 13.09 -8.96
ZN ZN D . -7.03 8.86 3.04
N LEU A 16 -1.93 3.93 -5.28
CA LEU A 16 -1.18 4.60 -6.38
C LEU A 16 -2.10 4.97 -7.53
N LEU A 17 -1.54 5.64 -8.53
CA LEU A 17 -2.30 6.06 -9.71
C LEU A 17 -3.46 6.97 -9.31
N ASP A 18 -3.20 7.85 -8.34
CA ASP A 18 -4.21 8.80 -7.86
C ASP A 18 -5.61 8.19 -7.82
N ASP A 19 -5.80 7.19 -6.97
CA ASP A 19 -7.10 6.53 -6.83
C ASP A 19 -8.10 7.46 -6.14
N GLY A 20 -7.59 8.55 -5.57
CA GLY A 20 -8.45 9.50 -4.89
C GLY A 20 -7.69 10.30 -3.84
N TYR A 21 -6.70 9.66 -3.24
CA TYR A 21 -5.88 10.29 -2.21
C TYR A 21 -4.41 10.32 -2.65
N ARG A 22 -3.52 10.68 -1.72
CA ARG A 22 -2.10 10.74 -2.02
C ARG A 22 -1.32 9.75 -1.15
N TRP A 23 -0.61 8.82 -1.79
CA TRP A 23 0.16 7.82 -1.07
C TRP A 23 1.65 7.92 -1.38
N ARG A 24 2.47 7.74 -0.34
CA ARG A 24 3.92 7.82 -0.48
C ARG A 24 4.57 6.50 -0.05
N LYS A 25 5.39 5.94 -0.94
CA LYS A 25 6.07 4.68 -0.66
C LYS A 25 6.98 4.82 0.56
N TYR A 26 6.92 3.84 1.46
CA TYR A 26 7.74 3.87 2.65
C TYR A 26 8.23 2.48 3.06
N GLY A 27 9.55 2.38 3.23
CA GLY A 27 10.16 1.11 3.62
C GLY A 27 10.17 0.09 2.51
N GLN A 28 10.83 -1.04 2.76
CA GLN A 28 10.93 -2.11 1.79
C GLN A 28 11.62 -3.33 2.40
N LYS A 29 11.08 -4.51 2.12
CA LYS A 29 11.64 -5.75 2.65
C LYS A 29 11.10 -6.96 1.91
N VAL A 30 11.85 -8.06 1.96
CA VAL A 30 11.45 -9.30 1.29
C VAL A 30 11.06 -10.35 2.33
N VAL A 31 10.09 -11.19 1.97
CA VAL A 31 9.63 -12.24 2.87
C VAL A 31 9.66 -13.61 2.22
N LYS A 32 9.85 -14.64 3.05
CA LYS A 32 9.91 -16.02 2.60
C LYS A 32 8.50 -16.56 2.38
N GLY A 33 8.40 -17.81 1.95
CA GLY A 33 7.08 -18.39 1.67
C GLY A 33 6.42 -17.74 0.47
N ASN A 34 6.99 -16.61 0.05
CA ASN A 34 6.51 -15.85 -1.08
C ASN A 34 7.65 -14.96 -1.56
N PRO A 35 8.82 -15.58 -1.87
CA PRO A 35 10.03 -14.90 -2.32
C PRO A 35 9.77 -13.61 -3.07
N TYR A 36 9.32 -12.59 -2.36
CA TYR A 36 9.02 -11.32 -3.00
C TYR A 36 9.16 -10.14 -2.05
N PRO A 37 9.55 -8.96 -2.58
CA PRO A 37 9.72 -7.75 -1.79
C PRO A 37 8.41 -7.02 -1.57
N ARG A 38 8.10 -6.74 -0.32
CA ARG A 38 6.87 -6.03 0.02
C ARG A 38 7.13 -4.54 0.16
N SER A 39 6.07 -3.75 0.13
CA SER A 39 6.19 -2.30 0.26
C SER A 39 5.11 -1.74 1.17
N TYR A 40 5.45 -0.69 1.91
CA TYR A 40 4.48 -0.08 2.81
C TYR A 40 4.13 1.33 2.34
N TYR A 41 2.93 1.49 1.81
CA TYR A 41 2.47 2.78 1.32
C TYR A 41 1.60 3.47 2.37
N LYS A 42 1.97 4.70 2.72
CA LYS A 42 1.22 5.45 3.73
C LYS A 42 0.63 6.73 3.14
N CYS A 43 -0.68 6.91 3.33
CA CYS A 43 -1.37 8.09 2.83
C CYS A 43 -1.19 9.25 3.81
N THR A 44 -0.72 10.37 3.28
CA THR A 44 -0.54 11.56 4.09
C THR A 44 -1.66 12.54 3.81
N THR A 45 -1.94 13.42 4.76
CA THR A 45 -3.00 14.40 4.58
C THR A 45 -2.98 15.37 5.77
N PRO A 46 -3.05 16.68 5.53
CA PRO A 46 -3.03 17.67 6.60
C PRO A 46 -4.06 17.35 7.69
N GLY A 47 -3.66 16.54 8.66
CA GLY A 47 -4.56 16.17 9.74
C GLY A 47 -4.96 14.70 9.68
N CYS A 48 -4.41 13.96 8.71
CA CYS A 48 -4.73 12.55 8.56
C CYS A 48 -3.52 11.71 8.15
N GLY A 49 -3.61 10.42 8.44
CA GLY A 49 -2.55 9.48 8.11
C GLY A 49 -3.05 8.05 8.11
N VAL A 50 -3.07 7.43 6.93
CA VAL A 50 -3.52 6.05 6.79
C VAL A 50 -2.47 5.24 6.03
N ARG A 51 -2.52 3.91 6.15
CA ARG A 51 -1.55 3.07 5.47
C ARG A 51 -2.21 1.90 4.76
N LYS A 52 -1.48 1.33 3.80
CA LYS A 52 -1.95 0.18 3.04
C LYS A 52 -0.74 -0.68 2.62
N HIS A 53 -0.97 -1.96 2.34
CA HIS A 53 0.12 -2.85 1.96
C HIS A 53 -0.03 -3.36 0.53
N VAL A 54 1.11 -3.55 -0.14
CA VAL A 54 1.12 -4.03 -1.52
C VAL A 54 2.08 -5.22 -1.66
N GLU A 55 1.56 -6.36 -2.11
CA GLU A 55 2.36 -7.56 -2.28
C GLU A 55 2.02 -8.28 -3.59
N ARG A 56 2.98 -9.01 -4.13
CA ARG A 56 2.78 -9.75 -5.38
C ARG A 56 2.73 -11.26 -5.13
N ALA A 57 1.69 -11.90 -5.66
CA ALA A 57 1.51 -13.34 -5.49
C ALA A 57 2.71 -14.15 -5.96
N ALA A 58 3.30 -14.91 -5.03
CA ALA A 58 4.47 -15.74 -5.30
C ALA A 58 4.35 -16.47 -6.64
N THR A 59 3.21 -17.10 -6.87
CA THR A 59 2.97 -17.84 -8.10
C THR A 59 2.56 -16.89 -9.22
N ASP A 60 1.88 -15.81 -8.84
CA ASP A 60 1.42 -14.81 -9.81
C ASP A 60 2.15 -13.48 -9.62
N PRO A 61 3.32 -13.32 -10.26
CA PRO A 61 4.10 -12.09 -10.16
C PRO A 61 3.37 -10.89 -10.76
N LYS A 62 2.35 -11.18 -11.58
CA LYS A 62 1.56 -10.14 -12.21
C LYS A 62 0.37 -9.76 -11.35
N ALA A 63 -0.03 -10.67 -10.44
CA ALA A 63 -1.15 -10.42 -9.55
C ALA A 63 -0.70 -9.70 -8.29
N VAL A 64 -1.38 -8.62 -7.96
CA VAL A 64 -1.05 -7.84 -6.77
C VAL A 64 -2.21 -7.80 -5.79
N VAL A 65 -1.90 -7.76 -4.50
CA VAL A 65 -2.92 -7.71 -3.46
C VAL A 65 -2.70 -6.49 -2.57
N THR A 66 -3.70 -5.64 -2.46
CA THR A 66 -3.59 -4.42 -1.65
C THR A 66 -4.52 -4.47 -0.43
N THR A 67 -3.98 -4.07 0.71
CA THR A 67 -4.75 -4.05 1.96
C THR A 67 -4.78 -2.64 2.53
N TYR A 68 -5.96 -2.18 2.93
CA TYR A 68 -6.11 -0.85 3.50
C TYR A 68 -6.27 -0.90 5.01
N GLU A 69 -5.36 -0.22 5.71
CA GLU A 69 -5.40 -0.20 7.17
C GLU A 69 -5.66 1.21 7.70
N GLY A 70 -6.86 1.44 8.22
CA GLY A 70 -7.19 2.75 8.76
C GLY A 70 -8.11 3.55 7.86
N LYS A 71 -8.88 4.44 8.47
CA LYS A 71 -9.81 5.29 7.74
C LYS A 71 -9.30 6.72 7.67
N HIS A 72 -9.80 7.49 6.72
CA HIS A 72 -9.38 8.88 6.57
C HIS A 72 -10.44 9.83 7.12
N ASN A 73 -10.01 10.84 7.86
CA ASN A 73 -10.92 11.81 8.44
C ASN A 73 -11.04 13.05 7.55
N HIS A 74 -11.08 12.82 6.24
CA HIS A 74 -11.17 13.91 5.28
C HIS A 74 -11.89 13.45 4.01
N ASP A 75 -12.59 14.36 3.36
CA ASP A 75 -13.30 14.04 2.13
C ASP A 75 -12.30 13.85 0.99
N LEU A 76 -11.90 14.95 0.36
CA LEU A 76 -10.94 14.91 -0.73
C LEU A 76 -9.94 16.06 -0.59
N PRO A 77 -8.63 15.76 -0.66
CA PRO A 77 -7.58 16.77 -0.53
C PRO A 77 -7.46 17.64 -1.78
N ALA A 78 -7.78 18.92 -1.63
CA ALA A 78 -7.70 19.87 -2.75
C ALA A 78 -6.27 20.00 -3.25
ZN ZN D . -5.96 10.25 3.98
N LEU A 16 0.80 0.46 -8.96
CA LEU A 16 -0.56 1.02 -8.76
C LEU A 16 -0.59 2.51 -9.08
N LEU A 17 -1.79 3.08 -9.06
CA LEU A 17 -1.97 4.51 -9.35
C LEU A 17 -3.14 5.08 -8.56
N ASP A 18 -3.00 6.33 -8.13
CA ASP A 18 -4.04 7.02 -7.35
C ASP A 18 -5.43 6.63 -7.83
N ASP A 19 -6.10 5.76 -7.08
CA ASP A 19 -7.44 5.30 -7.43
C ASP A 19 -8.51 6.19 -6.81
N GLY A 20 -8.11 7.35 -6.28
CA GLY A 20 -9.06 8.25 -5.68
C GLY A 20 -8.49 9.01 -4.49
N TYR A 21 -7.47 8.44 -3.85
CA TYR A 21 -6.85 9.08 -2.70
C TYR A 21 -5.37 9.39 -2.98
N ARG A 22 -4.67 9.85 -1.94
CA ARG A 22 -3.25 10.17 -2.07
C ARG A 22 -2.41 9.23 -1.23
N TRP A 23 -1.55 8.47 -1.88
CA TRP A 23 -0.69 7.51 -1.19
C TRP A 23 0.79 7.82 -1.41
N ARG A 24 1.58 7.68 -0.35
CA ARG A 24 3.00 7.94 -0.42
C ARG A 24 3.81 6.74 0.07
N LYS A 25 4.49 6.07 -0.85
CA LYS A 25 5.30 4.91 -0.52
C LYS A 25 6.27 5.21 0.61
N TYR A 26 6.78 4.16 1.25
CA TYR A 26 7.74 4.33 2.34
C TYR A 26 8.31 2.99 2.80
N GLY A 27 9.61 2.98 3.06
CA GLY A 27 10.28 1.77 3.49
C GLY A 27 10.47 0.77 2.36
N GLN A 28 11.05 -0.39 2.67
CA GLN A 28 11.28 -1.42 1.67
C GLN A 28 11.88 -2.65 2.31
N LYS A 29 11.02 -3.52 2.84
CA LYS A 29 11.46 -4.75 3.48
C LYS A 29 11.36 -5.92 2.52
N VAL A 30 12.21 -6.93 2.69
CA VAL A 30 12.19 -8.10 1.84
C VAL A 30 11.80 -9.35 2.62
N VAL A 31 11.08 -10.26 1.96
CA VAL A 31 10.63 -11.49 2.61
C VAL A 31 11.10 -12.73 1.85
N LYS A 32 11.48 -13.76 2.61
CA LYS A 32 11.93 -15.03 2.05
C LYS A 32 10.73 -15.90 1.71
N GLY A 33 10.97 -17.12 1.21
CA GLY A 33 9.87 -17.99 0.83
C GLY A 33 8.99 -17.36 -0.24
N ASN A 34 9.32 -16.12 -0.58
CA ASN A 34 8.61 -15.35 -1.59
C ASN A 34 9.52 -14.21 -2.02
N PRO A 35 10.76 -14.55 -2.45
CA PRO A 35 11.79 -13.59 -2.87
C PRO A 35 11.24 -12.32 -3.49
N TYR A 36 10.66 -11.45 -2.67
CA TYR A 36 10.10 -10.21 -3.18
C TYR A 36 10.10 -9.12 -2.12
N PRO A 37 10.42 -7.87 -2.52
CA PRO A 37 10.45 -6.73 -1.60
C PRO A 37 9.07 -6.14 -1.37
N ARG A 38 8.70 -5.97 -0.11
CA ARG A 38 7.39 -5.41 0.24
C ARG A 38 7.46 -3.89 0.26
N SER A 39 6.29 -3.27 0.08
CA SER A 39 6.21 -1.81 0.07
C SER A 39 5.13 -1.33 1.04
N TYR A 40 5.42 -0.28 1.80
CA TYR A 40 4.48 0.26 2.75
C TYR A 40 3.91 1.58 2.25
N TYR A 41 2.74 1.53 1.61
CA TYR A 41 2.10 2.73 1.10
C TYR A 41 1.15 3.30 2.13
N LYS A 42 1.35 4.56 2.51
CA LYS A 42 0.51 5.20 3.51
C LYS A 42 -0.19 6.43 2.95
N CYS A 43 -1.50 6.51 3.19
CA CYS A 43 -2.30 7.63 2.73
C CYS A 43 -2.24 8.79 3.72
N THR A 44 -2.00 9.99 3.22
CA THR A 44 -1.93 11.16 4.07
C THR A 44 -3.11 12.08 3.77
N THR A 45 -3.52 12.88 4.75
CA THR A 45 -4.63 13.80 4.56
C THR A 45 -4.76 14.71 5.79
N PRO A 46 -5.04 16.01 5.58
CA PRO A 46 -5.18 16.97 6.68
C PRO A 46 -6.19 16.51 7.73
N GLY A 47 -5.74 15.63 8.62
CA GLY A 47 -6.61 15.11 9.66
C GLY A 47 -6.86 13.63 9.54
N CYS A 48 -6.29 12.99 8.51
CA CYS A 48 -6.47 11.56 8.30
C CYS A 48 -5.14 10.87 8.00
N GLY A 49 -5.07 9.60 8.35
CA GLY A 49 -3.88 8.80 8.12
C GLY A 49 -4.19 7.32 8.02
N VAL A 50 -4.14 6.78 6.81
CA VAL A 50 -4.42 5.36 6.59
C VAL A 50 -3.24 4.72 5.88
N ARG A 51 -3.11 3.40 6.00
CA ARG A 51 -2.01 2.70 5.35
C ARG A 51 -2.52 1.43 4.67
N LYS A 52 -1.70 0.91 3.76
CA LYS A 52 -2.03 -0.32 3.03
C LYS A 52 -0.74 -1.05 2.66
N HIS A 53 -0.86 -2.36 2.45
CA HIS A 53 0.31 -3.17 2.11
C HIS A 53 0.22 -3.69 0.68
N VAL A 54 1.39 -3.81 0.05
CA VAL A 54 1.46 -4.30 -1.32
C VAL A 54 2.52 -5.40 -1.42
N GLU A 55 2.12 -6.59 -1.85
CA GLU A 55 3.05 -7.71 -1.96
C GLU A 55 2.88 -8.44 -3.29
N ARG A 56 3.95 -9.12 -3.71
CA ARG A 56 3.93 -9.89 -4.95
C ARG A 56 3.76 -11.37 -4.67
N ALA A 57 3.26 -12.11 -5.66
CA ALA A 57 3.04 -13.54 -5.51
C ALA A 57 4.21 -14.34 -6.05
N ALA A 58 4.78 -15.20 -5.20
CA ALA A 58 5.90 -16.04 -5.59
C ALA A 58 5.50 -17.10 -6.62
N THR A 59 4.20 -17.20 -6.90
CA THR A 59 3.70 -18.16 -7.88
C THR A 59 2.86 -17.46 -8.95
N ASP A 60 3.04 -16.14 -9.07
CA ASP A 60 2.32 -15.34 -10.04
C ASP A 60 2.70 -13.87 -9.91
N PRO A 61 3.79 -13.45 -10.58
CA PRO A 61 4.25 -12.06 -10.53
C PRO A 61 3.18 -11.07 -11.00
N LYS A 62 2.23 -11.55 -11.78
CA LYS A 62 1.16 -10.71 -12.29
C LYS A 62 0.08 -10.47 -11.22
N ALA A 63 0.08 -11.29 -10.18
CA ALA A 63 -0.90 -11.15 -9.11
C ALA A 63 -0.31 -10.43 -7.90
N VAL A 64 -0.96 -9.35 -7.48
CA VAL A 64 -0.50 -8.58 -6.34
C VAL A 64 -1.54 -8.56 -5.22
N VAL A 65 -1.06 -8.54 -3.97
CA VAL A 65 -1.95 -8.52 -2.82
C VAL A 65 -1.99 -7.14 -2.18
N THR A 66 -3.19 -6.69 -1.81
CA THR A 66 -3.35 -5.38 -1.18
C THR A 66 -4.22 -5.44 0.06
N THR A 67 -3.69 -4.96 1.18
CA THR A 67 -4.44 -4.95 2.44
C THR A 67 -4.67 -3.52 2.91
N TYR A 68 -5.92 -3.18 3.18
CA TYR A 68 -6.26 -1.83 3.63
C TYR A 68 -6.60 -1.82 5.12
N GLU A 69 -5.93 -0.94 5.87
CA GLU A 69 -6.17 -0.83 7.31
C GLU A 69 -6.35 0.63 7.70
N GLY A 70 -7.54 0.95 8.22
CA GLY A 70 -7.83 2.31 8.64
C GLY A 70 -8.73 3.04 7.65
N LYS A 71 -9.77 3.67 8.18
CA LYS A 71 -10.72 4.42 7.34
C LYS A 71 -10.25 5.86 7.13
N HIS A 72 -10.81 6.52 6.12
CA HIS A 72 -10.46 7.89 5.82
C HIS A 72 -11.53 8.86 6.30
N ASN A 73 -11.10 9.97 6.90
CA ASN A 73 -12.02 10.97 7.40
C ASN A 73 -11.94 12.25 6.58
N HIS A 74 -12.21 12.14 5.29
CA HIS A 74 -12.15 13.29 4.39
C HIS A 74 -12.81 12.98 3.05
N ASP A 75 -13.29 14.04 2.39
CA ASP A 75 -13.94 13.90 1.08
C ASP A 75 -13.05 13.10 0.15
N LEU A 76 -11.94 13.72 -0.25
CA LEU A 76 -10.93 13.12 -1.13
C LEU A 76 -10.31 14.19 -2.05
N PRO A 77 -9.11 13.91 -2.61
CA PRO A 77 -8.42 14.83 -3.48
C PRO A 77 -8.78 14.63 -4.95
N ALA A 78 -9.40 15.64 -5.55
CA ALA A 78 -9.81 15.57 -6.95
C ALA A 78 -8.61 15.31 -7.85
ZN ZN D . -7.03 9.35 3.55
N LEU A 16 0.43 0.41 -8.92
CA LEU A 16 -0.09 1.07 -7.69
C LEU A 16 0.53 2.46 -7.51
N LEU A 17 0.59 3.21 -8.60
CA LEU A 17 1.15 4.56 -8.57
C LEU A 17 0.08 5.61 -8.25
N ASP A 18 -1.18 5.20 -8.27
CA ASP A 18 -2.29 6.11 -7.98
C ASP A 18 -3.64 5.42 -8.11
N ASP A 19 -4.49 5.60 -7.09
CA ASP A 19 -5.83 5.02 -7.08
C ASP A 19 -6.87 6.10 -6.80
N GLY A 20 -6.47 7.35 -6.99
CA GLY A 20 -7.35 8.47 -6.75
C GLY A 20 -6.86 9.35 -5.61
N TYR A 21 -5.98 8.79 -4.78
CA TYR A 21 -5.41 9.52 -3.65
C TYR A 21 -3.91 9.68 -3.81
N ARG A 22 -3.27 10.20 -2.77
CA ARG A 22 -1.82 10.40 -2.79
C ARG A 22 -1.14 9.49 -1.78
N TRP A 23 -0.36 8.54 -2.28
CA TRP A 23 0.33 7.59 -1.40
C TRP A 23 1.84 7.78 -1.45
N ARG A 24 2.48 7.71 -0.29
CA ARG A 24 3.92 7.88 -0.18
C ARG A 24 4.60 6.58 0.20
N LYS A 25 5.39 6.04 -0.73
CA LYS A 25 6.12 4.80 -0.49
C LYS A 25 7.08 4.98 0.69
N TYR A 26 7.25 3.93 1.49
CA TYR A 26 8.15 4.01 2.62
C TYR A 26 8.57 2.64 3.15
N GLY A 27 9.87 2.48 3.37
CA GLY A 27 10.40 1.24 3.89
C GLY A 27 10.40 0.10 2.89
N GLN A 28 10.99 -1.01 3.28
CA GLN A 28 11.06 -2.21 2.45
C GLN A 28 11.60 -3.39 3.27
N LYS A 29 10.74 -4.36 3.52
CA LYS A 29 11.13 -5.52 4.31
C LYS A 29 10.78 -6.83 3.60
N VAL A 30 11.55 -7.87 3.85
CA VAL A 30 11.30 -9.16 3.23
C VAL A 30 10.91 -10.19 4.30
N VAL A 31 10.01 -11.10 3.94
CA VAL A 31 9.56 -12.12 4.87
C VAL A 31 9.71 -13.53 4.32
N LYS A 32 9.86 -14.49 5.23
CA LYS A 32 10.00 -15.90 4.88
C LYS A 32 8.64 -16.51 4.55
N GLY A 33 8.63 -17.80 4.21
CA GLY A 33 7.38 -18.45 3.84
C GLY A 33 6.81 -17.89 2.55
N ASN A 34 7.36 -16.76 2.14
CA ASN A 34 6.97 -16.07 0.92
C ASN A 34 8.09 -15.12 0.52
N PRO A 35 9.32 -15.69 0.35
CA PRO A 35 10.53 -14.94 0.00
C PRO A 35 10.27 -13.73 -0.88
N TYR A 36 9.69 -12.69 -0.30
CA TYR A 36 9.38 -11.49 -1.07
C TYR A 36 9.40 -10.22 -0.22
N PRO A 37 9.94 -9.12 -0.78
CA PRO A 37 10.01 -7.83 -0.09
C PRO A 37 8.72 -7.04 -0.22
N ARG A 38 8.18 -6.59 0.90
CA ARG A 38 6.94 -5.84 0.91
C ARG A 38 7.21 -4.33 0.93
N SER A 39 6.15 -3.54 0.73
CA SER A 39 6.27 -2.09 0.73
C SER A 39 5.12 -1.49 1.54
N TYR A 40 5.39 -0.38 2.23
CA TYR A 40 4.37 0.27 3.05
C TYR A 40 3.95 1.62 2.45
N TYR A 41 2.78 1.63 1.79
CA TYR A 41 2.25 2.85 1.18
C TYR A 41 1.20 3.49 2.07
N LYS A 42 1.43 4.74 2.46
CA LYS A 42 0.47 5.46 3.31
C LYS A 42 -0.09 6.68 2.60
N CYS A 43 -1.42 6.76 2.55
CA CYS A 43 -2.11 7.87 1.91
C CYS A 43 -2.00 9.13 2.76
N THR A 44 -1.63 10.23 2.11
CA THR A 44 -1.50 11.52 2.80
C THR A 44 -2.64 12.43 2.41
N THR A 45 -2.95 13.39 3.27
CA THR A 45 -4.01 14.36 3.01
C THR A 45 -3.91 15.46 4.07
N PRO A 46 -4.22 16.72 3.72
CA PRO A 46 -4.15 17.84 4.66
C PRO A 46 -4.60 17.43 6.06
N GLY A 47 -5.80 16.87 6.14
CA GLY A 47 -6.33 16.45 7.43
C GLY A 47 -6.58 14.95 7.51
N CYS A 48 -5.85 14.16 6.73
CA CYS A 48 -6.03 12.71 6.74
C CYS A 48 -4.72 11.94 6.59
N GLY A 49 -4.77 10.68 7.05
CA GLY A 49 -3.63 9.80 6.97
C GLY A 49 -4.04 8.34 7.06
N VAL A 50 -3.94 7.62 5.95
CA VAL A 50 -4.30 6.20 5.89
C VAL A 50 -3.11 5.38 5.40
N ARG A 51 -3.12 4.09 5.70
CA ARG A 51 -2.03 3.21 5.27
C ARG A 51 -2.48 2.24 4.19
N LYS A 52 -1.53 1.44 3.71
CA LYS A 52 -1.79 0.44 2.68
C LYS A 52 -0.59 -0.49 2.53
N HIS A 53 -0.85 -1.79 2.41
CA HIS A 53 0.23 -2.76 2.29
C HIS A 53 0.25 -3.39 0.91
N VAL A 54 1.45 -3.60 0.38
CA VAL A 54 1.63 -4.21 -0.93
C VAL A 54 2.60 -5.38 -0.85
N GLU A 55 2.14 -6.56 -1.23
CA GLU A 55 2.98 -7.76 -1.17
C GLU A 55 2.84 -8.60 -2.44
N ARG A 56 3.90 -9.36 -2.74
CA ARG A 56 3.90 -10.22 -3.92
C ARG A 56 3.51 -11.65 -3.54
N ALA A 57 3.15 -12.45 -4.53
CA ALA A 57 2.74 -13.83 -4.28
C ALA A 57 3.93 -14.78 -4.41
N ALA A 58 4.13 -15.62 -3.40
CA ALA A 58 5.23 -16.57 -3.39
C ALA A 58 5.33 -17.34 -4.71
N THR A 59 4.22 -17.93 -5.14
CA THR A 59 4.20 -18.70 -6.39
C THR A 59 3.93 -17.81 -7.60
N ASP A 60 4.22 -16.51 -7.49
CA ASP A 60 4.00 -15.60 -8.60
C ASP A 60 4.48 -14.19 -8.25
N PRO A 61 5.68 -13.80 -8.73
CA PRO A 61 6.25 -12.47 -8.48
C PRO A 61 5.48 -11.37 -9.20
N LYS A 62 4.55 -11.76 -10.06
CA LYS A 62 3.75 -10.81 -10.83
C LYS A 62 2.44 -10.49 -10.13
N ALA A 63 2.05 -11.34 -9.19
CA ALA A 63 0.81 -11.14 -8.44
C ALA A 63 1.07 -10.30 -7.19
N VAL A 64 0.31 -9.23 -7.04
CA VAL A 64 0.47 -8.34 -5.90
C VAL A 64 -0.81 -8.27 -5.05
N VAL A 65 -0.64 -8.13 -3.75
CA VAL A 65 -1.76 -8.03 -2.82
C VAL A 65 -1.86 -6.61 -2.28
N THR A 66 -3.08 -6.12 -2.07
CA THR A 66 -3.28 -4.77 -1.56
C THR A 66 -4.27 -4.73 -0.40
N THR A 67 -3.81 -4.24 0.74
CA THR A 67 -4.64 -4.13 1.92
C THR A 67 -4.75 -2.67 2.38
N TYR A 68 -5.98 -2.22 2.61
CA TYR A 68 -6.19 -0.85 3.05
C TYR A 68 -6.42 -0.78 4.56
N GLU A 69 -5.53 -0.06 5.25
CA GLU A 69 -5.61 0.09 6.69
C GLU A 69 -6.15 1.47 7.07
N GLY A 70 -7.44 1.56 7.36
CA GLY A 70 -8.04 2.82 7.74
C GLY A 70 -8.82 3.46 6.61
N LYS A 71 -9.84 4.24 6.97
CA LYS A 71 -10.68 4.92 5.99
C LYS A 71 -10.21 6.35 5.77
N HIS A 72 -10.70 6.97 4.70
CA HIS A 72 -10.33 8.35 4.38
C HIS A 72 -11.44 9.32 4.75
N ASN A 73 -11.07 10.40 5.43
CA ASN A 73 -12.03 11.42 5.83
C ASN A 73 -11.90 12.65 4.93
N HIS A 74 -12.17 12.45 3.65
CA HIS A 74 -12.07 13.53 2.68
C HIS A 74 -12.63 13.12 1.32
N ASP A 75 -12.94 14.12 0.49
CA ASP A 75 -13.45 13.87 -0.84
C ASP A 75 -12.31 13.62 -1.82
N LEU A 76 -12.65 13.27 -3.05
CA LEU A 76 -11.64 13.00 -4.07
C LEU A 76 -11.02 14.30 -4.57
N PRO A 77 -9.69 14.47 -4.38
CA PRO A 77 -8.98 15.67 -4.82
C PRO A 77 -9.17 15.95 -6.30
N ALA A 78 -10.08 16.86 -6.62
CA ALA A 78 -10.35 17.22 -8.01
C ALA A 78 -10.77 15.99 -8.82
ZN ZN D . -6.83 9.79 2.40
N LEU A 16 -1.64 -0.07 -4.48
CA LEU A 16 -1.16 1.32 -4.70
C LEU A 16 -1.81 1.95 -5.92
N LEU A 17 -3.09 1.67 -6.12
CA LEU A 17 -3.82 2.21 -7.27
C LEU A 17 -4.10 3.71 -7.07
N ASP A 18 -3.03 4.50 -7.02
CA ASP A 18 -3.15 5.94 -6.85
C ASP A 18 -4.24 6.52 -7.74
N ASP A 19 -5.43 6.65 -7.18
CA ASP A 19 -6.57 7.19 -7.91
C ASP A 19 -7.68 7.59 -6.94
N GLY A 20 -7.28 8.28 -5.87
CA GLY A 20 -8.23 8.71 -4.86
C GLY A 20 -7.55 9.42 -3.72
N TYR A 21 -6.60 8.72 -3.11
CA TYR A 21 -5.84 9.29 -1.99
C TYR A 21 -4.34 9.24 -2.30
N ARG A 22 -3.59 10.19 -1.76
CA ARG A 22 -2.16 10.25 -2.00
C ARG A 22 -1.44 9.24 -1.10
N TRP A 23 -0.58 8.42 -1.71
CA TRP A 23 0.15 7.41 -0.96
C TRP A 23 1.66 7.60 -1.09
N ARG A 24 2.37 7.35 0.00
CA ARG A 24 3.83 7.51 0.02
C ARG A 24 4.53 6.18 0.28
N LYS A 25 5.22 5.67 -0.73
CA LYS A 25 5.94 4.41 -0.60
C LYS A 25 7.19 4.58 0.24
N TYR A 26 7.11 4.18 1.51
CA TYR A 26 8.26 4.31 2.41
C TYR A 26 8.81 2.95 2.81
N GLY A 27 10.13 2.91 3.02
CA GLY A 27 10.79 1.68 3.43
C GLY A 27 10.87 0.66 2.31
N GLN A 28 11.42 -0.50 2.61
CA GLN A 28 11.58 -1.57 1.63
C GLN A 28 12.24 -2.78 2.28
N LYS A 29 11.66 -3.96 2.05
CA LYS A 29 12.20 -5.18 2.62
C LYS A 29 11.68 -6.41 1.89
N VAL A 30 12.44 -7.50 1.94
CA VAL A 30 12.05 -8.74 1.29
C VAL A 30 11.62 -9.78 2.33
N VAL A 31 10.59 -10.56 1.98
CA VAL A 31 10.09 -11.58 2.88
C VAL A 31 10.12 -12.96 2.24
N LYS A 32 10.48 -13.97 3.04
CA LYS A 32 10.57 -15.35 2.57
C LYS A 32 9.17 -15.95 2.46
N GLY A 33 9.10 -17.23 2.08
CA GLY A 33 7.81 -17.88 1.91
C GLY A 33 7.06 -17.33 0.71
N ASN A 34 7.50 -16.16 0.24
CA ASN A 34 6.92 -15.49 -0.91
C ASN A 34 7.96 -14.51 -1.44
N PRO A 35 9.12 -15.04 -1.89
CA PRO A 35 10.24 -14.25 -2.42
C PRO A 35 9.84 -12.96 -3.09
N TYR A 36 9.43 -11.98 -2.30
CA TYR A 36 9.01 -10.69 -2.86
C TYR A 36 9.23 -9.54 -1.87
N PRO A 37 9.62 -8.36 -2.39
CA PRO A 37 9.85 -7.18 -1.57
C PRO A 37 8.56 -6.43 -1.25
N ARG A 38 8.33 -6.15 0.03
CA ARG A 38 7.13 -5.45 0.46
C ARG A 38 7.35 -3.93 0.46
N SER A 39 6.25 -3.20 0.28
CA SER A 39 6.30 -1.75 0.26
C SER A 39 5.28 -1.18 1.25
N TYR A 40 5.65 -0.12 1.94
CA TYR A 40 4.76 0.49 2.93
C TYR A 40 4.12 1.77 2.40
N TYR A 41 3.06 1.61 1.61
CA TYR A 41 2.34 2.75 1.05
C TYR A 41 1.37 3.31 2.08
N LYS A 42 1.60 4.55 2.52
CA LYS A 42 0.72 5.17 3.51
C LYS A 42 0.00 6.38 2.93
N CYS A 43 -1.25 6.57 3.33
CA CYS A 43 -2.04 7.69 2.87
C CYS A 43 -1.82 8.90 3.77
N THR A 44 -1.67 10.07 3.15
CA THR A 44 -1.48 11.30 3.90
C THR A 44 -2.66 12.22 3.66
N THR A 45 -3.00 13.03 4.65
CA THR A 45 -4.10 13.96 4.52
C THR A 45 -4.12 14.91 5.71
N PRO A 46 -4.35 16.22 5.48
CA PRO A 46 -4.38 17.20 6.56
C PRO A 46 -5.38 16.81 7.64
N GLY A 47 -4.94 15.95 8.56
CA GLY A 47 -5.82 15.50 9.63
C GLY A 47 -6.04 14.00 9.60
N CYS A 48 -5.43 13.32 8.63
CA CYS A 48 -5.60 11.87 8.50
C CYS A 48 -4.29 11.16 8.16
N GLY A 49 -4.19 9.91 8.61
CA GLY A 49 -3.01 9.10 8.36
C GLY A 49 -3.33 7.61 8.34
N VAL A 50 -3.29 7.02 7.15
CA VAL A 50 -3.59 5.60 6.98
C VAL A 50 -2.40 4.89 6.33
N ARG A 51 -2.25 3.60 6.61
CA ARG A 51 -1.14 2.83 6.04
C ARG A 51 -1.66 1.70 5.14
N LYS A 52 -0.86 1.32 4.17
CA LYS A 52 -1.23 0.26 3.23
C LYS A 52 0.01 -0.58 2.88
N HIS A 53 -0.15 -1.89 2.90
CA HIS A 53 0.96 -2.80 2.60
C HIS A 53 0.71 -3.53 1.27
N VAL A 54 1.72 -3.50 0.40
CA VAL A 54 1.61 -4.14 -0.90
C VAL A 54 2.54 -5.34 -1.01
N GLU A 55 1.97 -6.50 -1.28
CA GLU A 55 2.74 -7.74 -1.43
C GLU A 55 2.34 -8.48 -2.70
N ARG A 56 3.27 -9.22 -3.28
CA ARG A 56 3.01 -9.98 -4.49
C ARG A 56 2.67 -11.43 -4.17
N ALA A 57 2.12 -12.14 -5.15
CA ALA A 57 1.76 -13.54 -4.96
C ALA A 57 2.94 -14.46 -5.28
N ALA A 58 3.15 -15.45 -4.40
CA ALA A 58 4.25 -16.39 -4.58
C ALA A 58 4.04 -17.27 -5.81
N THR A 59 2.82 -17.27 -6.34
CA THR A 59 2.50 -18.07 -7.52
C THR A 59 2.11 -17.19 -8.70
N ASP A 60 2.52 -15.92 -8.64
CA ASP A 60 2.20 -14.97 -9.71
C ASP A 60 2.78 -13.60 -9.41
N PRO A 61 3.93 -13.25 -10.03
CA PRO A 61 4.58 -11.96 -9.82
C PRO A 61 3.73 -10.79 -10.33
N LYS A 62 2.71 -11.11 -11.12
CA LYS A 62 1.83 -10.08 -11.67
C LYS A 62 0.68 -9.77 -10.71
N ALA A 63 0.36 -10.70 -9.83
CA ALA A 63 -0.71 -10.52 -8.87
C ALA A 63 -0.20 -9.83 -7.60
N VAL A 64 -0.89 -8.77 -7.18
CA VAL A 64 -0.50 -8.03 -5.99
C VAL A 64 -1.64 -7.98 -4.97
N VAL A 65 -1.26 -7.92 -3.70
CA VAL A 65 -2.23 -7.86 -2.61
C VAL A 65 -2.20 -6.50 -1.93
N THR A 66 -3.36 -6.01 -1.52
CA THR A 66 -3.45 -4.71 -0.87
C THR A 66 -4.18 -4.79 0.47
N THR A 67 -3.48 -4.40 1.53
CA THR A 67 -4.05 -4.41 2.88
C THR A 67 -4.04 -3.01 3.49
N TYR A 68 -5.19 -2.56 3.95
CA TYR A 68 -5.30 -1.23 4.55
C TYR A 68 -5.45 -1.31 6.07
N GLU A 69 -4.58 -0.58 6.77
CA GLU A 69 -4.61 -0.55 8.23
C GLU A 69 -5.00 0.83 8.72
N GLY A 70 -6.26 0.96 9.15
CA GLY A 70 -6.75 2.23 9.64
C GLY A 70 -8.05 2.66 8.97
N LYS A 71 -8.29 3.97 8.94
CA LYS A 71 -9.50 4.50 8.32
C LYS A 71 -9.30 5.96 7.92
N HIS A 72 -9.98 6.38 6.86
CA HIS A 72 -9.89 7.76 6.40
C HIS A 72 -11.04 8.59 6.94
N ASN A 73 -10.71 9.61 7.73
CA ASN A 73 -11.72 10.48 8.32
C ASN A 73 -11.95 11.72 7.47
N HIS A 74 -11.83 11.57 6.15
CA HIS A 74 -12.04 12.69 5.23
C HIS A 74 -12.68 12.21 3.94
N ASP A 75 -13.51 13.05 3.33
CA ASP A 75 -14.17 12.70 2.08
C ASP A 75 -13.15 12.41 0.99
N LEU A 76 -12.51 13.46 0.51
CA LEU A 76 -11.50 13.34 -0.54
C LEU A 76 -10.53 14.51 -0.50
N PRO A 77 -9.22 14.27 -0.75
CA PRO A 77 -8.21 15.33 -0.73
C PRO A 77 -8.51 16.44 -1.73
N ALA A 78 -9.37 17.37 -1.32
CA ALA A 78 -9.75 18.49 -2.17
C ALA A 78 -9.16 19.80 -1.66
ZN ZN D . -6.76 9.39 3.94
N LEU A 16 2.37 5.75 -10.49
CA LEU A 16 1.94 5.63 -9.07
C LEU A 16 1.64 7.00 -8.47
N LEU A 17 0.81 7.78 -9.18
CA LEU A 17 0.44 9.11 -8.70
C LEU A 17 -0.91 9.09 -7.99
N ASP A 18 -1.99 9.09 -8.76
CA ASP A 18 -3.34 9.09 -8.20
C ASP A 18 -4.22 8.02 -8.83
N ASP A 19 -3.75 6.77 -8.83
CA ASP A 19 -4.52 5.67 -9.38
C ASP A 19 -5.91 5.63 -8.74
N GLY A 20 -6.00 6.18 -7.53
CA GLY A 20 -7.25 6.25 -6.80
C GLY A 20 -7.17 7.37 -5.79
N TYR A 21 -6.11 7.34 -5.00
CA TYR A 21 -5.84 8.36 -3.99
C TYR A 21 -4.34 8.66 -3.99
N ARG A 22 -3.93 9.74 -3.35
CA ARG A 22 -2.52 10.10 -3.32
C ARG A 22 -1.76 9.30 -2.28
N TRP A 23 -0.78 8.51 -2.73
CA TRP A 23 0.02 7.68 -1.84
C TRP A 23 1.51 7.97 -1.97
N ARG A 24 2.20 7.92 -0.84
CA ARG A 24 3.64 8.16 -0.81
C ARG A 24 4.37 6.90 -0.34
N LYS A 25 5.07 6.26 -1.27
CA LYS A 25 5.83 5.06 -0.96
C LYS A 25 6.75 5.28 0.23
N TYR A 26 6.87 4.27 1.09
CA TYR A 26 7.71 4.39 2.27
C TYR A 26 8.19 3.04 2.79
N GLY A 27 9.50 2.93 2.97
CA GLY A 27 10.12 1.72 3.48
C GLY A 27 10.15 0.58 2.48
N GLN A 28 10.79 -0.51 2.87
CA GLN A 28 10.91 -1.70 2.03
C GLN A 28 11.53 -2.85 2.82
N LYS A 29 10.70 -3.80 3.21
CA LYS A 29 11.18 -4.95 3.98
C LYS A 29 10.82 -6.26 3.30
N VAL A 30 11.68 -7.27 3.49
CA VAL A 30 11.45 -8.58 2.89
C VAL A 30 10.93 -9.56 3.92
N VAL A 31 10.03 -10.45 3.50
CA VAL A 31 9.44 -11.42 4.39
C VAL A 31 9.61 -12.84 3.88
N LYS A 32 9.90 -13.77 4.80
CA LYS A 32 10.08 -15.17 4.47
C LYS A 32 8.73 -15.86 4.29
N GLY A 33 8.74 -17.16 4.01
CA GLY A 33 7.50 -17.88 3.81
C GLY A 33 6.81 -17.44 2.53
N ASN A 34 7.24 -16.30 2.00
CA ASN A 34 6.71 -15.71 0.79
C ASN A 34 7.78 -14.80 0.21
N PRO A 35 8.97 -15.36 -0.09
CA PRO A 35 10.12 -14.64 -0.63
C PRO A 35 9.77 -13.42 -1.47
N TYR A 36 9.30 -12.37 -0.80
CA TYR A 36 8.91 -11.16 -1.53
C TYR A 36 9.03 -9.92 -0.65
N PRO A 37 9.53 -8.80 -1.23
CA PRO A 37 9.68 -7.54 -0.51
C PRO A 37 8.37 -6.77 -0.44
N ARG A 38 8.03 -6.30 0.75
CA ARG A 38 6.79 -5.55 0.96
C ARG A 38 7.03 -4.05 0.86
N SER A 39 5.95 -3.32 0.59
CA SER A 39 6.01 -1.87 0.48
C SER A 39 4.91 -1.23 1.32
N TYR A 40 5.19 -0.06 1.89
CA TYR A 40 4.20 0.61 2.71
C TYR A 40 3.83 1.97 2.14
N TYR A 41 2.63 2.05 1.56
CA TYR A 41 2.14 3.29 0.98
C TYR A 41 1.16 3.96 1.93
N LYS A 42 1.37 5.25 2.20
CA LYS A 42 0.49 5.98 3.11
C LYS A 42 -0.23 7.11 2.39
N CYS A 43 -1.55 7.01 2.33
CA CYS A 43 -2.37 8.03 1.68
C CYS A 43 -2.37 9.32 2.49
N THR A 44 -2.26 10.44 1.80
CA THR A 44 -2.25 11.75 2.44
C THR A 44 -3.45 12.57 1.99
N THR A 45 -3.88 13.50 2.84
CA THR A 45 -5.00 14.38 2.55
C THR A 45 -5.09 15.45 3.63
N PRO A 46 -5.79 16.56 3.37
CA PRO A 46 -5.92 17.64 4.35
C PRO A 46 -6.27 17.10 5.75
N GLY A 47 -7.37 16.37 5.82
CA GLY A 47 -7.79 15.80 7.09
C GLY A 47 -7.87 14.29 7.05
N CYS A 48 -7.00 13.66 6.27
CA CYS A 48 -7.01 12.20 6.16
C CYS A 48 -5.60 11.62 6.02
N GLY A 49 -5.40 10.50 6.72
CA GLY A 49 -4.13 9.80 6.71
C GLY A 49 -4.32 8.31 6.88
N VAL A 50 -4.16 7.56 5.78
CA VAL A 50 -4.31 6.11 5.81
C VAL A 50 -3.07 5.42 5.25
N ARG A 51 -2.90 4.15 5.61
CA ARG A 51 -1.76 3.36 5.13
C ARG A 51 -2.24 2.05 4.53
N LYS A 52 -1.40 1.45 3.68
CA LYS A 52 -1.74 0.19 3.06
C LYS A 52 -0.49 -0.65 2.82
N HIS A 53 -0.64 -1.97 2.85
CA HIS A 53 0.48 -2.88 2.64
C HIS A 53 0.30 -3.67 1.35
N VAL A 54 1.34 -3.70 0.52
CA VAL A 54 1.29 -4.43 -0.73
C VAL A 54 2.28 -5.60 -0.70
N GLU A 55 1.74 -6.82 -0.90
CA GLU A 55 2.56 -8.02 -0.88
C GLU A 55 2.19 -8.96 -2.03
N ARG A 56 3.13 -9.78 -2.47
CA ARG A 56 2.89 -10.72 -3.56
C ARG A 56 2.63 -12.12 -3.00
N ALA A 57 1.99 -12.96 -3.80
CA ALA A 57 1.69 -14.32 -3.38
C ALA A 57 2.95 -15.20 -3.42
N ALA A 58 3.06 -16.10 -2.45
CA ALA A 58 4.20 -17.01 -2.36
C ALA A 58 4.16 -18.05 -3.47
N THR A 59 2.99 -18.26 -4.06
CA THR A 59 2.84 -19.23 -5.13
C THR A 59 2.34 -18.56 -6.41
N ASP A 60 2.62 -17.28 -6.56
CA ASP A 60 2.20 -16.53 -7.74
C ASP A 60 2.68 -15.08 -7.67
N PRO A 61 3.82 -14.77 -8.33
CA PRO A 61 4.38 -13.42 -8.33
C PRO A 61 3.46 -12.41 -9.02
N LYS A 62 2.57 -12.92 -9.88
CA LYS A 62 1.65 -12.06 -10.60
C LYS A 62 0.52 -11.58 -9.70
N ALA A 63 0.19 -12.38 -8.69
CA ALA A 63 -0.88 -12.04 -7.76
C ALA A 63 -0.39 -11.09 -6.67
N VAL A 64 -1.04 -9.94 -6.56
CA VAL A 64 -0.66 -8.95 -5.56
C VAL A 64 -1.75 -8.78 -4.50
N VAL A 65 -1.32 -8.64 -3.26
CA VAL A 65 -2.25 -8.45 -2.14
C VAL A 65 -2.15 -7.04 -1.60
N THR A 66 -3.29 -6.46 -1.23
CA THR A 66 -3.32 -5.11 -0.69
C THR A 66 -4.15 -5.03 0.58
N THR A 67 -3.56 -4.47 1.63
CA THR A 67 -4.24 -4.32 2.91
C THR A 67 -4.30 -2.86 3.31
N TYR A 68 -5.50 -2.38 3.62
CA TYR A 68 -5.68 -0.98 4.01
C TYR A 68 -5.85 -0.85 5.51
N GLU A 69 -5.04 0.00 6.12
CA GLU A 69 -5.10 0.24 7.57
C GLU A 69 -5.73 1.60 7.87
N GLY A 70 -7.03 1.60 8.13
CA GLY A 70 -7.73 2.83 8.43
C GLY A 70 -8.95 3.05 7.55
N LYS A 71 -9.26 4.31 7.28
CA LYS A 71 -10.40 4.65 6.45
C LYS A 71 -10.24 6.04 5.85
N HIS A 72 -10.80 6.24 4.66
CA HIS A 72 -10.71 7.53 3.98
C HIS A 72 -12.00 8.33 4.16
N ASN A 73 -11.88 9.50 4.79
CA ASN A 73 -13.03 10.36 5.04
C ASN A 73 -13.03 11.54 4.08
N HIS A 74 -12.88 11.27 2.79
CA HIS A 74 -12.88 12.31 1.78
C HIS A 74 -13.33 11.76 0.43
N ASP A 75 -13.96 12.61 -0.37
CA ASP A 75 -14.44 12.21 -1.69
C ASP A 75 -13.28 12.02 -2.65
N LEU A 76 -13.58 11.56 -3.86
CA LEU A 76 -12.56 11.35 -4.88
C LEU A 76 -11.97 12.68 -5.35
N PRO A 77 -10.68 12.93 -5.08
CA PRO A 77 -10.02 14.18 -5.49
C PRO A 77 -10.07 14.38 -6.99
N ALA A 78 -11.19 14.94 -7.46
CA ALA A 78 -11.37 15.20 -8.89
C ALA A 78 -10.84 16.58 -9.27
ZN ZN D . -7.29 9.21 2.02
N LEU A 16 -1.90 4.87 -10.35
CA LEU A 16 -1.96 5.13 -8.89
C LEU A 16 -1.81 6.62 -8.60
N LEU A 17 -2.44 7.45 -9.42
CA LEU A 17 -2.37 8.89 -9.25
C LEU A 17 -3.60 9.41 -8.49
N ASP A 18 -4.56 9.99 -9.20
CA ASP A 18 -5.76 10.51 -8.57
C ASP A 18 -6.98 9.65 -8.91
N ASP A 19 -6.80 8.33 -8.89
CA ASP A 19 -7.89 7.41 -9.17
C ASP A 19 -8.84 7.34 -7.99
N GLY A 20 -8.31 7.65 -6.81
CA GLY A 20 -9.11 7.63 -5.60
C GLY A 20 -8.63 8.68 -4.61
N TYR A 21 -7.46 8.44 -4.04
CA TYR A 21 -6.88 9.36 -3.07
C TYR A 21 -5.37 9.45 -3.24
N ARG A 22 -4.76 10.44 -2.60
CA ARG A 22 -3.31 10.63 -2.70
C ARG A 22 -2.57 9.68 -1.75
N TRP A 23 -1.71 8.84 -2.31
CA TRP A 23 -0.94 7.89 -1.51
C TRP A 23 0.56 8.09 -1.72
N ARG A 24 1.31 7.93 -0.64
CA ARG A 24 2.76 8.10 -0.68
C ARG A 24 3.47 6.94 0.00
N LYS A 25 4.16 6.12 -0.80
CA LYS A 25 4.89 4.97 -0.27
C LYS A 25 5.84 5.38 0.86
N TYR A 26 6.40 4.39 1.55
CA TYR A 26 7.31 4.66 2.64
C TYR A 26 7.96 3.37 3.15
N GLY A 27 9.25 3.46 3.45
CA GLY A 27 9.98 2.30 3.95
C GLY A 27 10.21 1.25 2.88
N GLN A 28 10.84 0.15 3.27
CA GLN A 28 11.12 -0.95 2.36
C GLN A 28 11.83 -2.08 3.10
N LYS A 29 11.18 -3.23 3.16
CA LYS A 29 11.74 -4.39 3.84
C LYS A 29 11.59 -5.65 2.99
N VAL A 30 12.49 -6.61 3.19
CA VAL A 30 12.44 -7.87 2.45
C VAL A 30 12.18 -9.02 3.41
N VAL A 31 11.38 -9.99 2.99
CA VAL A 31 11.06 -11.12 3.83
C VAL A 31 11.42 -12.44 3.18
N LYS A 32 11.90 -13.39 4.00
CA LYS A 32 12.28 -14.71 3.54
C LYS A 32 11.04 -15.57 3.33
N GLY A 33 11.24 -16.85 2.99
CA GLY A 33 10.09 -17.72 2.76
C GLY A 33 9.20 -17.21 1.63
N ASN A 34 9.46 -15.98 1.20
CA ASN A 34 8.72 -15.31 0.14
C ASN A 34 9.61 -14.19 -0.38
N PRO A 35 10.83 -14.54 -0.82
CA PRO A 35 11.83 -13.59 -1.33
C PRO A 35 11.24 -12.39 -2.08
N TYR A 36 10.64 -11.47 -1.33
CA TYR A 36 10.03 -10.30 -1.96
C TYR A 36 10.02 -9.10 -1.02
N PRO A 37 10.34 -7.90 -1.53
CA PRO A 37 10.37 -6.67 -0.74
C PRO A 37 8.99 -6.03 -0.61
N ARG A 38 8.59 -5.75 0.63
CA ARG A 38 7.29 -5.15 0.89
C ARG A 38 7.36 -3.63 0.87
N SER A 39 6.21 -3.00 0.66
CA SER A 39 6.12 -1.53 0.62
C SER A 39 4.93 -1.06 1.45
N TYR A 40 5.10 0.08 2.14
CA TYR A 40 4.03 0.61 2.97
C TYR A 40 3.47 1.92 2.41
N TYR A 41 2.30 1.83 1.77
CA TYR A 41 1.65 3.00 1.19
C TYR A 41 0.69 3.62 2.19
N LYS A 42 0.89 4.90 2.52
CA LYS A 42 0.02 5.58 3.47
C LYS A 42 -0.65 6.79 2.84
N CYS A 43 -1.95 6.94 3.11
CA CYS A 43 -2.72 8.06 2.58
C CYS A 43 -2.59 9.28 3.46
N THR A 44 -2.46 10.45 2.82
CA THR A 44 -2.34 11.71 3.53
C THR A 44 -3.51 12.61 3.17
N THR A 45 -3.88 13.50 4.09
CA THR A 45 -4.99 14.42 3.84
C THR A 45 -5.13 15.41 5.00
N PRO A 46 -5.41 16.68 4.71
CA PRO A 46 -5.58 17.70 5.74
C PRO A 46 -6.60 17.29 6.79
N GLY A 47 -6.15 16.51 7.78
CA GLY A 47 -7.04 16.05 8.83
C GLY A 47 -7.32 14.56 8.75
N CYS A 48 -6.73 13.89 7.76
CA CYS A 48 -6.95 12.45 7.59
C CYS A 48 -5.62 11.72 7.34
N GLY A 49 -5.59 10.46 7.77
CA GLY A 49 -4.41 9.63 7.60
C GLY A 49 -4.73 8.15 7.69
N VAL A 50 -4.76 7.49 6.53
CA VAL A 50 -5.05 6.06 6.47
C VAL A 50 -3.85 5.34 5.87
N ARG A 51 -3.69 4.06 6.19
CA ARG A 51 -2.56 3.30 5.67
C ARG A 51 -3.01 2.16 4.75
N LYS A 52 -2.16 1.85 3.78
CA LYS A 52 -2.42 0.78 2.81
C LYS A 52 -1.17 -0.05 2.62
N HIS A 53 -1.32 -1.37 2.51
CA HIS A 53 -0.18 -2.26 2.34
C HIS A 53 -0.18 -2.90 0.96
N VAL A 54 1.02 -3.10 0.42
CA VAL A 54 1.17 -3.70 -0.89
C VAL A 54 2.28 -4.77 -0.86
N GLU A 55 1.91 -6.00 -1.21
CA GLU A 55 2.87 -7.10 -1.20
C GLU A 55 2.76 -7.94 -2.46
N ARG A 56 3.84 -8.66 -2.78
CA ARG A 56 3.88 -9.53 -3.94
C ARG A 56 3.79 -10.98 -3.53
N ALA A 57 3.28 -11.83 -4.43
CA ALA A 57 3.12 -13.25 -4.15
C ALA A 57 4.42 -14.01 -4.47
N ALA A 58 4.91 -14.77 -3.49
CA ALA A 58 6.13 -15.54 -3.65
C ALA A 58 6.18 -16.28 -4.99
N THR A 59 5.09 -16.98 -5.31
CA THR A 59 5.02 -17.72 -6.56
C THR A 59 4.34 -16.92 -7.67
N ASP A 60 4.53 -15.60 -7.63
CA ASP A 60 3.94 -14.73 -8.63
C ASP A 60 4.31 -13.27 -8.37
N PRO A 61 5.40 -12.79 -8.99
CA PRO A 61 5.86 -11.41 -8.82
C PRO A 61 4.88 -10.41 -9.44
N LYS A 62 3.98 -10.91 -10.27
CA LYS A 62 2.98 -10.06 -10.92
C LYS A 62 1.73 -9.91 -10.07
N ALA A 63 1.54 -10.83 -9.13
CA ALA A 63 0.38 -10.79 -8.24
C ALA A 63 0.65 -9.93 -7.02
N VAL A 64 -0.12 -8.85 -6.88
CA VAL A 64 0.05 -7.94 -5.77
C VAL A 64 -1.16 -7.96 -4.83
N VAL A 65 -0.90 -7.83 -3.54
CA VAL A 65 -1.96 -7.82 -2.54
C VAL A 65 -2.14 -6.39 -1.99
N THR A 66 -3.39 -6.01 -1.72
CA THR A 66 -3.65 -4.67 -1.20
C THR A 66 -4.57 -4.70 0.02
N THR A 67 -4.08 -4.17 1.13
CA THR A 67 -4.85 -4.10 2.36
C THR A 67 -5.01 -2.66 2.83
N TYR A 68 -6.24 -2.28 3.14
CA TYR A 68 -6.52 -0.92 3.60
C TYR A 68 -6.90 -0.91 5.08
N GLU A 69 -6.24 -0.06 5.85
CA GLU A 69 -6.50 0.05 7.27
C GLU A 69 -7.08 1.42 7.63
N GLY A 70 -8.37 1.44 7.94
CA GLY A 70 -9.02 2.68 8.32
C GLY A 70 -9.61 3.42 7.13
N LYS A 71 -10.75 4.08 7.36
CA LYS A 71 -11.43 4.85 6.33
C LYS A 71 -10.92 6.28 6.30
N HIS A 72 -11.27 7.02 5.26
CA HIS A 72 -10.84 8.42 5.14
C HIS A 72 -11.94 9.36 5.65
N ASN A 73 -11.52 10.45 6.29
CA ASN A 73 -12.47 11.42 6.82
C ASN A 73 -12.58 12.64 5.91
N HIS A 74 -12.63 12.39 4.60
CA HIS A 74 -12.74 13.46 3.61
C HIS A 74 -13.39 12.96 2.34
N ASP A 75 -14.57 12.35 2.49
CA ASP A 75 -15.34 11.80 1.38
C ASP A 75 -14.51 11.68 0.10
N LEU A 76 -14.44 12.76 -0.67
CA LEU A 76 -13.67 12.78 -1.90
C LEU A 76 -12.96 14.12 -2.06
N PRO A 77 -11.61 14.11 -2.12
CA PRO A 77 -10.82 15.34 -2.28
C PRO A 77 -11.39 16.26 -3.35
N ALA A 78 -12.19 17.23 -2.92
CA ALA A 78 -12.80 18.18 -3.83
C ALA A 78 -11.79 19.23 -4.29
ZN ZN D . -7.55 9.92 3.38
N LEU A 16 -0.96 -1.72 -8.82
CA LEU A 16 -1.45 -1.16 -7.54
C LEU A 16 -2.87 -0.62 -7.69
N LEU A 17 -3.83 -1.32 -7.10
CA LEU A 17 -5.23 -0.90 -7.16
C LEU A 17 -5.49 0.28 -6.24
N ASP A 18 -5.28 1.49 -6.76
CA ASP A 18 -5.50 2.70 -5.98
C ASP A 18 -6.91 3.24 -6.21
N ASP A 19 -7.51 3.75 -5.15
CA ASP A 19 -8.87 4.30 -5.22
C ASP A 19 -8.83 5.80 -5.48
N GLY A 20 -7.71 6.29 -6.01
CA GLY A 20 -7.56 7.71 -6.29
C GLY A 20 -7.08 8.49 -5.08
N TYR A 21 -6.26 7.84 -4.25
CA TYR A 21 -5.72 8.49 -3.06
C TYR A 21 -4.23 8.75 -3.21
N ARG A 22 -3.63 9.34 -2.18
CA ARG A 22 -2.20 9.66 -2.19
C ARG A 22 -1.46 8.79 -1.18
N TRP A 23 -0.56 7.95 -1.68
CA TRP A 23 0.22 7.08 -0.81
C TRP A 23 1.71 7.37 -0.93
N ARG A 24 2.39 7.37 0.21
CA ARG A 24 3.83 7.62 0.24
C ARG A 24 4.61 6.34 0.49
N LYS A 25 5.53 6.03 -0.42
CA LYS A 25 6.35 4.82 -0.31
C LYS A 25 7.33 4.97 0.85
N TYR A 26 7.42 3.94 1.69
CA TYR A 26 8.34 3.98 2.81
C TYR A 26 8.67 2.59 3.34
N GLY A 27 9.97 2.35 3.52
CA GLY A 27 10.45 1.08 4.03
C GLY A 27 10.55 0.01 2.96
N GLN A 28 11.17 -1.12 3.33
CA GLN A 28 11.34 -2.23 2.40
C GLN A 28 11.91 -3.44 3.14
N LYS A 29 11.47 -4.62 2.74
CA LYS A 29 11.94 -5.85 3.37
C LYS A 29 11.57 -7.08 2.54
N VAL A 30 12.38 -8.13 2.65
CA VAL A 30 12.12 -9.36 1.92
C VAL A 30 11.74 -10.48 2.88
N VAL A 31 10.91 -11.41 2.40
CA VAL A 31 10.47 -12.53 3.21
C VAL A 31 10.87 -13.85 2.60
N LYS A 32 11.24 -14.81 3.48
CA LYS A 32 11.66 -16.15 3.06
C LYS A 32 10.48 -17.12 3.11
N GLY A 33 10.35 -17.89 2.05
CA GLY A 33 9.22 -18.80 1.91
C GLY A 33 8.26 -18.24 0.88
N ASN A 34 8.55 -16.98 0.56
CA ASN A 34 7.83 -16.21 -0.44
C ASN A 34 8.81 -15.15 -0.93
N PRO A 35 10.02 -15.60 -1.33
CA PRO A 35 11.11 -14.75 -1.81
C PRO A 35 10.65 -13.51 -2.53
N TYR A 36 10.21 -12.49 -1.79
CA TYR A 36 9.75 -11.27 -2.44
C TYR A 36 9.84 -10.06 -1.51
N PRO A 37 10.30 -8.91 -2.03
CA PRO A 37 10.43 -7.68 -1.25
C PRO A 37 9.12 -6.91 -1.16
N ARG A 38 8.74 -6.53 0.06
CA ARG A 38 7.49 -5.80 0.28
C ARG A 38 7.74 -4.31 0.46
N SER A 39 6.66 -3.53 0.44
CA SER A 39 6.73 -2.08 0.59
C SER A 39 5.54 -1.59 1.42
N TYR A 40 5.73 -0.51 2.18
CA TYR A 40 4.66 0.02 3.01
C TYR A 40 4.16 1.37 2.51
N TYR A 41 2.95 1.37 1.93
CA TYR A 41 2.35 2.60 1.41
C TYR A 41 1.29 3.12 2.39
N LYS A 42 1.52 4.32 2.94
CA LYS A 42 0.58 4.90 3.89
C LYS A 42 -0.12 6.14 3.31
N CYS A 43 -1.44 6.06 3.20
CA CYS A 43 -2.23 7.17 2.68
C CYS A 43 -2.21 8.36 3.62
N THR A 44 -1.75 9.50 3.13
CA THR A 44 -1.69 10.70 3.93
C THR A 44 -2.78 11.69 3.50
N THR A 45 -3.07 12.65 4.36
CA THR A 45 -4.06 13.68 4.08
C THR A 45 -4.07 14.67 5.23
N PRO A 46 -4.60 15.89 5.04
CA PRO A 46 -4.63 16.88 6.12
C PRO A 46 -5.18 16.30 7.41
N GLY A 47 -6.33 15.64 7.31
CA GLY A 47 -6.94 15.04 8.49
C GLY A 47 -7.16 13.56 8.36
N CYS A 48 -6.32 12.89 7.57
CA CYS A 48 -6.47 11.44 7.37
C CYS A 48 -5.12 10.73 7.28
N GLY A 49 -5.11 9.53 7.85
CA GLY A 49 -3.92 8.70 7.86
C GLY A 49 -4.27 7.22 7.80
N VAL A 50 -4.00 6.58 6.67
CA VAL A 50 -4.28 5.17 6.49
C VAL A 50 -3.06 4.42 5.98
N ARG A 51 -3.02 3.11 6.19
CA ARG A 51 -1.88 2.30 5.76
C ARG A 51 -2.30 1.25 4.74
N LYS A 52 -1.40 1.00 3.79
CA LYS A 52 -1.65 0.01 2.74
C LYS A 52 -0.39 -0.85 2.55
N HIS A 53 -0.59 -2.14 2.36
CA HIS A 53 0.53 -3.06 2.17
C HIS A 53 0.56 -3.61 0.75
N VAL A 54 1.76 -3.81 0.23
CA VAL A 54 1.94 -4.34 -1.11
C VAL A 54 2.94 -5.49 -1.09
N GLU A 55 2.50 -6.67 -1.53
CA GLU A 55 3.36 -7.85 -1.53
C GLU A 55 3.16 -8.67 -2.80
N ARG A 56 4.16 -9.46 -3.14
CA ARG A 56 4.10 -10.30 -4.32
C ARG A 56 3.76 -11.74 -3.91
N ALA A 57 3.26 -12.51 -4.87
CA ALA A 57 2.90 -13.90 -4.60
C ALA A 57 3.99 -14.86 -5.03
N ALA A 58 4.45 -15.68 -4.10
CA ALA A 58 5.51 -16.65 -4.35
C ALA A 58 5.32 -17.36 -5.69
N THR A 59 4.12 -17.90 -5.90
CA THR A 59 3.81 -18.61 -7.14
C THR A 59 3.36 -17.63 -8.23
N ASP A 60 2.82 -16.49 -7.82
CA ASP A 60 2.34 -15.49 -8.76
C ASP A 60 2.98 -14.13 -8.49
N PRO A 61 4.11 -13.83 -9.16
CA PRO A 61 4.81 -12.55 -8.99
C PRO A 61 4.08 -11.37 -9.64
N LYS A 62 3.07 -11.69 -10.46
CA LYS A 62 2.31 -10.66 -11.15
C LYS A 62 1.00 -10.36 -10.42
N ALA A 63 0.57 -11.27 -9.55
CA ALA A 63 -0.67 -11.09 -8.80
C ALA A 63 -0.61 -9.84 -7.93
N VAL A 64 0.29 -9.85 -6.95
CA VAL A 64 0.46 -8.73 -6.04
C VAL A 64 -0.72 -8.62 -5.08
N VAL A 65 -0.42 -8.53 -3.79
CA VAL A 65 -1.45 -8.42 -2.76
C VAL A 65 -1.54 -6.99 -2.23
N THR A 66 -2.75 -6.54 -1.96
CA THR A 66 -2.97 -5.19 -1.44
C THR A 66 -3.89 -5.22 -0.22
N THR A 67 -3.34 -4.85 0.93
CA THR A 67 -4.10 -4.83 2.18
C THR A 67 -4.33 -3.40 2.65
N TYR A 68 -5.59 -3.05 2.91
CA TYR A 68 -5.94 -1.72 3.36
C TYR A 68 -6.17 -1.69 4.87
N GLU A 69 -5.30 -0.98 5.58
CA GLU A 69 -5.40 -0.88 7.03
C GLU A 69 -5.83 0.53 7.44
N GLY A 70 -7.10 0.66 7.81
CA GLY A 70 -7.62 1.96 8.22
C GLY A 70 -8.54 2.57 7.19
N LYS A 71 -9.55 3.30 7.65
CA LYS A 71 -10.51 3.95 6.76
C LYS A 71 -10.10 5.39 6.46
N HIS A 72 -10.73 5.98 5.45
CA HIS A 72 -10.42 7.35 5.07
C HIS A 72 -11.59 8.29 5.39
N ASN A 73 -11.28 9.39 6.06
CA ASN A 73 -12.30 10.37 6.42
C ASN A 73 -12.24 11.57 5.50
N HIS A 74 -12.19 11.30 4.19
CA HIS A 74 -12.13 12.35 3.20
C HIS A 74 -12.71 11.90 1.87
N ASP A 75 -13.25 12.84 1.10
CA ASP A 75 -13.84 12.52 -0.19
C ASP A 75 -12.75 12.17 -1.19
N LEU A 76 -13.16 11.74 -2.38
CA LEU A 76 -12.20 11.36 -3.42
C LEU A 76 -11.44 12.59 -3.92
N PRO A 77 -10.12 12.69 -3.62
CA PRO A 77 -9.30 13.82 -4.06
C PRO A 77 -9.23 13.94 -5.57
N ALA A 78 -10.27 14.53 -6.15
CA ALA A 78 -10.34 14.71 -7.60
C ALA A 78 -9.69 16.03 -8.02
ZN ZN D . -7.03 8.81 3.14
N LEU A 16 -0.11 1.91 -4.75
CA LEU A 16 0.39 2.03 -6.15
C LEU A 16 -0.57 1.36 -7.12
N LEU A 17 -1.87 1.51 -6.87
CA LEU A 17 -2.90 0.94 -7.71
C LEU A 17 -3.71 2.04 -8.40
N ASP A 18 -3.40 3.29 -8.06
CA ASP A 18 -4.10 4.44 -8.64
C ASP A 18 -5.54 4.50 -8.15
N ASP A 19 -5.76 4.14 -6.90
CA ASP A 19 -7.09 4.16 -6.32
C ASP A 19 -7.66 5.57 -6.34
N GLY A 20 -6.79 6.56 -6.49
CA GLY A 20 -7.25 7.95 -6.53
C GLY A 20 -6.70 8.76 -5.38
N TYR A 21 -5.84 8.16 -4.56
CA TYR A 21 -5.25 8.85 -3.41
C TYR A 21 -3.75 9.02 -3.59
N ARG A 22 -3.10 9.55 -2.55
CA ARG A 22 -1.66 9.77 -2.58
C ARG A 22 -0.98 8.90 -1.52
N TRP A 23 -0.09 8.03 -1.97
CA TRP A 23 0.62 7.12 -1.07
C TRP A 23 2.12 7.35 -1.12
N ARG A 24 2.75 7.30 0.06
CA ARG A 24 4.19 7.49 0.15
C ARG A 24 4.91 6.18 0.47
N LYS A 25 5.62 5.65 -0.52
CA LYS A 25 6.36 4.40 -0.36
C LYS A 25 7.41 4.56 0.74
N TYR A 26 7.63 3.50 1.52
CA TYR A 26 8.63 3.58 2.58
C TYR A 26 8.96 2.22 3.21
N GLY A 27 10.26 2.04 3.44
CA GLY A 27 10.75 0.81 4.06
C GLY A 27 10.62 -0.41 3.18
N GLN A 28 11.48 -0.53 2.17
CA GLN A 28 11.45 -1.70 1.30
C GLN A 28 12.09 -2.89 2.00
N LYS A 29 11.34 -3.97 2.14
CA LYS A 29 11.85 -5.15 2.81
C LYS A 29 11.33 -6.43 2.13
N VAL A 30 12.13 -7.48 2.16
CA VAL A 30 11.74 -8.75 1.54
C VAL A 30 11.14 -9.69 2.57
N VAL A 31 10.22 -10.54 2.13
CA VAL A 31 9.56 -11.49 3.03
C VAL A 31 9.68 -12.93 2.52
N LYS A 32 9.90 -13.85 3.46
CA LYS A 32 10.04 -15.27 3.15
C LYS A 32 8.67 -15.89 2.92
N GLY A 33 8.65 -17.19 2.62
CA GLY A 33 7.38 -17.86 2.36
C GLY A 33 6.72 -17.34 1.08
N ASN A 34 7.25 -16.22 0.59
CA ASN A 34 6.76 -15.59 -0.62
C ASN A 34 7.88 -14.71 -1.18
N PRO A 35 9.06 -15.33 -1.44
CA PRO A 35 10.26 -14.66 -1.95
C PRO A 35 9.99 -13.42 -2.78
N TYR A 36 9.56 -12.35 -2.13
CA TYR A 36 9.28 -11.11 -2.85
C TYR A 36 9.48 -9.89 -1.96
N PRO A 37 9.73 -8.71 -2.58
CA PRO A 37 9.94 -7.47 -1.83
C PRO A 37 8.63 -6.78 -1.46
N ARG A 38 8.46 -6.52 -0.17
CA ARG A 38 7.26 -5.87 0.33
C ARG A 38 7.49 -4.36 0.45
N SER A 39 6.39 -3.59 0.38
CA SER A 39 6.48 -2.14 0.48
C SER A 39 5.37 -1.59 1.38
N TYR A 40 5.66 -0.52 2.11
CA TYR A 40 4.68 0.08 2.98
C TYR A 40 4.22 1.43 2.46
N TYR A 41 3.01 1.47 1.92
CA TYR A 41 2.46 2.70 1.37
C TYR A 41 1.46 3.33 2.34
N LYS A 42 1.73 4.57 2.74
CA LYS A 42 0.86 5.26 3.68
C LYS A 42 0.15 6.44 3.02
N CYS A 43 -1.18 6.36 2.95
CA CYS A 43 -1.97 7.43 2.36
C CYS A 43 -2.07 8.61 3.32
N THR A 44 -1.50 9.74 2.93
CA THR A 44 -1.53 10.93 3.77
C THR A 44 -2.68 11.84 3.36
N THR A 45 -2.94 12.84 4.20
CA THR A 45 -3.98 13.82 3.93
C THR A 45 -4.02 14.81 5.09
N PRO A 46 -4.49 16.05 4.88
CA PRO A 46 -4.53 17.05 5.95
C PRO A 46 -5.00 16.46 7.28
N GLY A 47 -6.08 15.71 7.24
CA GLY A 47 -6.61 15.09 8.45
C GLY A 47 -6.81 13.60 8.30
N CYS A 48 -5.98 12.95 7.49
CA CYS A 48 -6.12 11.51 7.29
C CYS A 48 -4.76 10.82 7.11
N GLY A 49 -4.75 9.54 7.48
CA GLY A 49 -3.56 8.71 7.38
C GLY A 49 -3.89 7.23 7.40
N VAL A 50 -3.66 6.55 6.28
CA VAL A 50 -3.94 5.12 6.17
C VAL A 50 -2.71 4.35 5.68
N ARG A 51 -2.57 3.12 6.13
CA ARG A 51 -1.45 2.27 5.72
C ARG A 51 -1.88 1.24 4.70
N LYS A 52 -1.03 1.01 3.71
CA LYS A 52 -1.31 0.05 2.65
C LYS A 52 -0.11 -0.85 2.39
N HIS A 53 -0.36 -2.15 2.27
CA HIS A 53 0.72 -3.10 2.03
C HIS A 53 0.60 -3.70 0.64
N VAL A 54 1.75 -3.85 -0.04
CA VAL A 54 1.77 -4.41 -1.38
C VAL A 54 2.78 -5.56 -1.49
N GLU A 55 2.28 -6.73 -1.86
CA GLU A 55 3.11 -7.92 -2.01
C GLU A 55 2.81 -8.63 -3.31
N ARG A 56 3.82 -9.31 -3.87
CA ARG A 56 3.64 -10.04 -5.12
C ARG A 56 3.42 -11.52 -4.86
N ALA A 57 2.24 -12.02 -5.23
CA ALA A 57 1.90 -13.42 -5.02
C ALA A 57 3.01 -14.36 -5.51
N ALA A 58 3.56 -15.12 -4.57
CA ALA A 58 4.65 -16.05 -4.88
C ALA A 58 4.38 -16.82 -6.17
N THR A 59 3.20 -17.43 -6.26
CA THR A 59 2.83 -18.20 -7.44
C THR A 59 2.42 -17.29 -8.59
N ASP A 60 1.85 -16.14 -8.25
CA ASP A 60 1.42 -15.16 -9.25
C ASP A 60 1.99 -13.78 -8.96
N PRO A 61 3.16 -13.45 -9.56
CA PRO A 61 3.81 -12.15 -9.35
C PRO A 61 3.05 -11.00 -10.04
N LYS A 62 2.03 -11.34 -10.81
CA LYS A 62 1.23 -10.33 -11.51
C LYS A 62 -0.03 -9.99 -10.74
N ALA A 63 -0.40 -10.83 -9.79
CA ALA A 63 -1.60 -10.61 -8.99
C ALA A 63 -1.46 -9.36 -8.13
N VAL A 64 -0.55 -9.43 -7.15
CA VAL A 64 -0.31 -8.31 -6.24
C VAL A 64 -1.42 -8.20 -5.21
N VAL A 65 -1.04 -8.11 -3.93
CA VAL A 65 -2.01 -8.00 -2.86
C VAL A 65 -2.03 -6.57 -2.29
N THR A 66 -3.21 -6.10 -1.93
CA THR A 66 -3.36 -4.75 -1.37
C THR A 66 -4.22 -4.77 -0.12
N THR A 67 -3.64 -4.34 1.00
CA THR A 67 -4.35 -4.30 2.27
C THR A 67 -4.53 -2.88 2.78
N TYR A 68 -5.76 -2.54 3.13
CA TYR A 68 -6.08 -1.21 3.63
C TYR A 68 -6.19 -1.19 5.15
N GLU A 69 -5.26 -0.50 5.80
CA GLU A 69 -5.26 -0.39 7.25
C GLU A 69 -5.93 0.91 7.67
N GLY A 70 -7.20 0.83 8.03
CA GLY A 70 -7.94 2.00 8.44
C GLY A 70 -8.69 2.66 7.29
N LYS A 71 -9.74 3.41 7.62
CA LYS A 71 -10.54 4.07 6.60
C LYS A 71 -10.04 5.49 6.36
N HIS A 72 -10.51 6.10 5.27
CA HIS A 72 -10.11 7.46 4.91
C HIS A 72 -11.23 8.45 5.21
N ASN A 73 -10.85 9.60 5.77
CA ASN A 73 -11.83 10.63 6.11
C ASN A 73 -11.78 11.79 5.12
N HIS A 74 -11.83 11.48 3.83
CA HIS A 74 -11.80 12.49 2.78
C HIS A 74 -12.37 11.95 1.48
N ASP A 75 -13.59 11.42 1.59
CA ASP A 75 -14.31 10.85 0.44
C ASP A 75 -13.40 10.61 -0.76
N LEU A 76 -13.25 11.64 -1.60
CA LEU A 76 -12.41 11.56 -2.78
C LEU A 76 -11.84 12.93 -3.13
N PRO A 77 -10.50 13.07 -3.12
CA PRO A 77 -9.83 14.33 -3.42
C PRO A 77 -9.56 14.51 -4.91
N ALA A 78 -10.53 15.04 -5.63
CA ALA A 78 -10.38 15.26 -7.07
C ALA A 78 -9.92 16.68 -7.36
ZN ZN D . -6.50 8.88 2.98
N LEU A 16 2.76 -2.53 -7.02
CA LEU A 16 1.77 -1.50 -6.59
C LEU A 16 1.62 -0.40 -7.64
N LEU A 17 0.40 0.08 -7.81
CA LEU A 17 0.11 1.13 -8.78
C LEU A 17 -1.01 2.03 -8.30
N ASP A 18 -1.15 3.19 -8.93
CA ASP A 18 -2.19 4.14 -8.57
C ASP A 18 -3.58 3.53 -8.75
N ASP A 19 -4.24 3.25 -7.62
CA ASP A 19 -5.57 2.66 -7.66
C ASP A 19 -6.65 3.72 -7.43
N GLY A 20 -6.24 4.98 -7.37
CA GLY A 20 -7.19 6.06 -7.17
C GLY A 20 -6.80 6.98 -6.03
N TYR A 21 -5.87 6.52 -5.19
CA TYR A 21 -5.41 7.30 -4.05
C TYR A 21 -3.89 7.45 -4.08
N ARG A 22 -3.39 8.52 -3.46
CA ARG A 22 -1.95 8.76 -3.42
C ARG A 22 -1.33 8.02 -2.23
N TRP A 23 -0.19 7.39 -2.47
CA TRP A 23 0.49 6.64 -1.44
C TRP A 23 1.99 6.95 -1.43
N ARG A 24 2.59 6.90 -0.24
CA ARG A 24 4.01 7.19 -0.09
C ARG A 24 4.80 5.92 0.22
N LYS A 25 5.70 5.55 -0.70
CA LYS A 25 6.54 4.38 -0.55
C LYS A 25 7.54 4.60 0.59
N TYR A 26 7.70 3.60 1.46
CA TYR A 26 8.64 3.75 2.56
C TYR A 26 9.03 2.43 3.24
N GLY A 27 10.33 2.28 3.44
CA GLY A 27 10.89 1.11 4.11
C GLY A 27 10.70 -0.20 3.36
N GLN A 28 11.52 -0.44 2.35
CA GLN A 28 11.43 -1.69 1.60
C GLN A 28 12.08 -2.82 2.40
N LYS A 29 11.26 -3.79 2.81
CA LYS A 29 11.75 -4.91 3.60
C LYS A 29 11.38 -6.24 2.94
N VAL A 30 12.25 -7.24 3.11
CA VAL A 30 12.00 -8.56 2.54
C VAL A 30 11.45 -9.52 3.60
N VAL A 31 10.53 -10.39 3.18
CA VAL A 31 9.92 -11.34 4.10
C VAL A 31 10.06 -12.77 3.59
N LYS A 32 10.28 -13.70 4.54
CA LYS A 32 10.42 -15.11 4.23
C LYS A 32 9.04 -15.75 4.04
N GLY A 33 9.02 -17.05 3.74
CA GLY A 33 7.75 -17.72 3.51
C GLY A 33 7.10 -17.26 2.23
N ASN A 34 7.55 -16.11 1.74
CA ASN A 34 7.06 -15.51 0.51
C ASN A 34 8.20 -14.71 -0.11
N PRO A 35 9.36 -15.39 -0.35
CA PRO A 35 10.57 -14.79 -0.91
C PRO A 35 10.31 -13.56 -1.77
N TYR A 36 9.92 -12.47 -1.14
CA TYR A 36 9.63 -11.25 -1.87
C TYR A 36 9.75 -10.00 -1.00
N PRO A 37 10.17 -8.88 -1.60
CA PRO A 37 10.32 -7.61 -0.90
C PRO A 37 8.99 -6.87 -0.79
N ARG A 38 8.66 -6.43 0.42
CA ARG A 38 7.41 -5.72 0.64
C ARG A 38 7.66 -4.22 0.68
N SER A 39 6.57 -3.45 0.62
CA SER A 39 6.66 -2.00 0.66
C SER A 39 5.57 -1.44 1.56
N TYR A 40 5.85 -0.33 2.23
CA TYR A 40 4.87 0.28 3.10
C TYR A 40 4.34 1.56 2.49
N TYR A 41 3.17 1.47 1.86
CA TYR A 41 2.53 2.61 1.22
C TYR A 41 1.49 3.21 2.15
N LYS A 42 1.66 4.48 2.50
CA LYS A 42 0.71 5.15 3.39
C LYS A 42 -0.04 6.26 2.68
N CYS A 43 -1.36 6.10 2.58
CA CYS A 43 -2.19 7.10 1.93
C CYS A 43 -2.13 8.43 2.67
N THR A 44 -2.10 9.52 1.92
CA THR A 44 -2.06 10.85 2.49
C THR A 44 -3.21 11.67 1.95
N THR A 45 -3.78 12.55 2.77
CA THR A 45 -4.89 13.39 2.35
C THR A 45 -5.16 14.46 3.41
N PRO A 46 -5.41 15.72 3.00
CA PRO A 46 -5.67 16.80 3.94
C PRO A 46 -6.74 16.45 4.97
N GLY A 47 -6.31 15.81 6.06
CA GLY A 47 -7.25 15.43 7.11
C GLY A 47 -7.38 13.93 7.27
N CYS A 48 -6.67 13.15 6.46
CA CYS A 48 -6.74 11.70 6.55
C CYS A 48 -5.36 11.04 6.42
N GLY A 49 -5.24 9.88 7.05
CA GLY A 49 -4.01 9.12 7.03
C GLY A 49 -4.25 7.63 7.15
N VAL A 50 -4.07 6.91 6.04
CA VAL A 50 -4.27 5.46 6.02
C VAL A 50 -3.01 4.76 5.52
N ARG A 51 -2.86 3.48 5.86
CA ARG A 51 -1.70 2.71 5.44
C ARG A 51 -2.12 1.38 4.84
N LYS A 52 -1.24 0.79 4.03
CA LYS A 52 -1.51 -0.50 3.40
C LYS A 52 -0.21 -1.23 3.10
N HIS A 53 -0.30 -2.55 2.96
CA HIS A 53 0.88 -3.37 2.67
C HIS A 53 0.80 -3.97 1.27
N VAL A 54 1.95 -4.05 0.61
CA VAL A 54 2.01 -4.61 -0.74
C VAL A 54 3.07 -5.70 -0.84
N GLU A 55 2.64 -6.90 -1.23
CA GLU A 55 3.55 -8.04 -1.36
C GLU A 55 3.26 -8.82 -2.64
N ARG A 56 4.28 -9.49 -3.16
CA ARG A 56 4.14 -10.28 -4.38
C ARG A 56 4.03 -11.77 -4.06
N ALA A 57 2.89 -12.37 -4.40
CA ALA A 57 2.63 -13.79 -4.14
C ALA A 57 3.86 -14.66 -4.35
N ALA A 58 4.12 -15.52 -3.37
CA ALA A 58 5.27 -16.43 -3.41
C ALA A 58 5.17 -17.43 -4.56
N THR A 59 4.00 -17.52 -5.17
CA THR A 59 3.79 -18.45 -6.28
C THR A 59 3.35 -17.70 -7.54
N ASP A 60 3.63 -16.40 -7.61
CA ASP A 60 3.26 -15.59 -8.76
C ASP A 60 3.79 -14.17 -8.60
N PRO A 61 4.94 -13.86 -9.23
CA PRO A 61 5.54 -12.53 -9.15
C PRO A 61 4.69 -11.45 -9.83
N LYS A 62 3.70 -11.88 -10.60
CA LYS A 62 2.81 -10.95 -11.29
C LYS A 62 1.60 -10.58 -10.42
N ALA A 63 1.34 -11.40 -9.41
CA ALA A 63 0.22 -11.16 -8.51
C ALA A 63 0.67 -10.42 -7.26
N VAL A 64 -0.08 -9.41 -6.85
CA VAL A 64 0.27 -8.61 -5.68
C VAL A 64 -0.84 -8.64 -4.63
N VAL A 65 -0.45 -8.63 -3.36
CA VAL A 65 -1.40 -8.62 -2.25
C VAL A 65 -1.48 -7.23 -1.64
N THR A 66 -2.68 -6.79 -1.29
CA THR A 66 -2.85 -5.47 -0.69
C THR A 66 -3.74 -5.50 0.54
N THR A 67 -3.22 -4.99 1.65
CA THR A 67 -3.97 -4.93 2.89
C THR A 67 -4.19 -3.47 3.27
N TYR A 68 -5.45 -3.09 3.52
CA TYR A 68 -5.77 -1.72 3.87
C TYR A 68 -5.98 -1.55 5.37
N GLU A 69 -5.19 -0.66 5.97
CA GLU A 69 -5.30 -0.38 7.39
C GLU A 69 -5.63 1.09 7.63
N GLY A 70 -6.87 1.36 8.00
CA GLY A 70 -7.29 2.73 8.25
C GLY A 70 -8.35 3.20 7.29
N LYS A 71 -9.35 3.91 7.81
CA LYS A 71 -10.43 4.43 6.99
C LYS A 71 -10.07 5.81 6.41
N HIS A 72 -10.58 6.08 5.22
CA HIS A 72 -10.32 7.36 4.56
C HIS A 72 -11.34 8.41 4.98
N ASN A 73 -10.84 9.53 5.52
CA ASN A 73 -11.71 10.60 5.99
C ASN A 73 -11.72 11.79 5.02
N HIS A 74 -12.00 11.51 3.74
CA HIS A 74 -12.04 12.56 2.73
C HIS A 74 -12.97 12.14 1.57
N ASP A 75 -12.45 12.10 0.35
CA ASP A 75 -13.22 11.70 -0.81
C ASP A 75 -12.29 11.06 -1.82
N LEU A 76 -12.83 10.41 -2.84
CA LEU A 76 -11.97 9.77 -3.83
C LEU A 76 -11.40 10.79 -4.81
N PRO A 77 -10.07 10.76 -5.02
CA PRO A 77 -9.39 11.69 -5.94
C PRO A 77 -9.85 11.51 -7.38
N ALA A 78 -11.03 12.03 -7.68
CA ALA A 78 -11.58 11.92 -9.03
C ALA A 78 -11.03 13.03 -9.93
ZN ZN D . -7.09 8.61 2.55
N LEU A 16 2.79 1.85 -9.49
CA LEU A 16 1.87 2.57 -8.56
C LEU A 16 0.44 2.58 -9.11
N LEU A 17 -0.53 2.51 -8.20
CA LEU A 17 -1.93 2.52 -8.58
C LEU A 17 -2.71 3.56 -7.79
N ASP A 18 -3.04 4.67 -8.45
CA ASP A 18 -3.77 5.75 -7.80
C ASP A 18 -5.27 5.61 -8.04
N ASP A 19 -6.00 5.19 -7.00
CA ASP A 19 -7.43 5.00 -7.10
C ASP A 19 -8.18 6.29 -6.74
N GLY A 20 -7.44 7.36 -6.49
CA GLY A 20 -8.05 8.63 -6.15
C GLY A 20 -7.30 9.36 -5.05
N TYR A 21 -6.41 8.66 -4.36
CA TYR A 21 -5.63 9.24 -3.28
C TYR A 21 -4.14 9.24 -3.64
N ARG A 22 -3.31 9.57 -2.66
CA ARG A 22 -1.86 9.61 -2.87
C ARG A 22 -1.16 8.67 -1.88
N TRP A 23 -0.29 7.82 -2.41
CA TRP A 23 0.42 6.87 -1.58
C TRP A 23 1.93 7.03 -1.71
N ARG A 24 2.64 6.89 -0.59
CA ARG A 24 4.09 7.04 -0.58
C ARG A 24 4.78 5.78 -0.07
N LYS A 25 5.59 5.18 -0.93
CA LYS A 25 6.33 3.96 -0.58
C LYS A 25 7.23 4.20 0.63
N TYR A 26 7.50 3.15 1.40
CA TYR A 26 8.37 3.29 2.57
C TYR A 26 8.67 1.96 3.27
N GLY A 27 9.92 1.85 3.70
CA GLY A 27 10.38 0.67 4.42
C GLY A 27 10.57 -0.55 3.53
N GLN A 28 11.62 -0.55 2.72
CA GLN A 28 11.90 -1.68 1.83
C GLN A 28 12.51 -2.85 2.62
N LYS A 29 11.87 -4.02 2.50
CA LYS A 29 12.34 -5.21 3.21
C LYS A 29 12.01 -6.47 2.43
N VAL A 30 12.71 -7.56 2.74
CA VAL A 30 12.48 -8.85 2.08
C VAL A 30 11.97 -9.88 3.07
N VAL A 31 11.03 -10.71 2.64
CA VAL A 31 10.47 -11.73 3.51
C VAL A 31 10.56 -13.12 2.90
N LYS A 32 10.79 -14.11 3.76
CA LYS A 32 10.89 -15.52 3.34
C LYS A 32 9.49 -16.11 3.18
N GLY A 33 9.43 -17.41 2.89
CA GLY A 33 8.14 -18.06 2.69
C GLY A 33 7.40 -17.52 1.47
N ASN A 34 7.85 -16.37 0.99
CA ASN A 34 7.29 -15.70 -0.16
C ASN A 34 8.37 -14.80 -0.76
N PRO A 35 9.52 -15.41 -1.13
CA PRO A 35 10.68 -14.73 -1.70
C PRO A 35 10.35 -13.44 -2.45
N TYR A 36 9.96 -12.41 -1.72
CA TYR A 36 9.62 -11.14 -2.35
C TYR A 36 9.80 -9.98 -1.38
N PRO A 37 10.16 -8.79 -1.89
CA PRO A 37 10.38 -7.60 -1.07
C PRO A 37 9.07 -6.92 -0.70
N ARG A 38 8.85 -6.72 0.59
CA ARG A 38 7.65 -6.06 1.09
C ARG A 38 7.78 -4.55 0.94
N SER A 39 6.69 -3.91 0.52
CA SER A 39 6.68 -2.46 0.34
C SER A 39 5.49 -1.84 1.05
N TYR A 40 5.77 -1.13 2.15
CA TYR A 40 4.71 -0.50 2.93
C TYR A 40 4.33 0.84 2.32
N TYR A 41 3.21 0.87 1.61
CA TYR A 41 2.73 2.09 1.00
C TYR A 41 1.78 2.81 1.95
N LYS A 42 2.09 4.08 2.25
CA LYS A 42 1.25 4.85 3.16
C LYS A 42 0.65 6.06 2.45
N CYS A 43 -0.61 6.33 2.77
CA CYS A 43 -1.31 7.46 2.18
C CYS A 43 -1.01 8.73 2.99
N THR A 44 -0.77 9.81 2.29
CA THR A 44 -0.49 11.09 2.95
C THR A 44 -1.57 12.09 2.57
N THR A 45 -1.89 13.01 3.47
CA THR A 45 -2.91 14.01 3.19
C THR A 45 -2.92 15.06 4.30
N PRO A 46 -3.03 16.36 3.94
CA PRO A 46 -3.06 17.44 4.93
C PRO A 46 -4.13 17.22 5.99
N GLY A 47 -3.79 16.45 7.01
CA GLY A 47 -4.74 16.17 8.08
C GLY A 47 -5.08 14.69 8.18
N CYS A 48 -4.58 13.88 7.26
CA CYS A 48 -4.85 12.44 7.28
C CYS A 48 -3.59 11.62 7.03
N GLY A 49 -3.61 10.40 7.53
CA GLY A 49 -2.50 9.48 7.37
C GLY A 49 -2.93 8.03 7.50
N VAL A 50 -3.02 7.34 6.37
CA VAL A 50 -3.41 5.93 6.35
C VAL A 50 -2.28 5.10 5.75
N ARG A 51 -2.24 3.81 6.09
CA ARG A 51 -1.21 2.94 5.57
C ARG A 51 -1.79 1.68 4.94
N LYS A 52 -1.01 1.04 4.09
CA LYS A 52 -1.43 -0.19 3.42
C LYS A 52 -0.21 -1.06 3.10
N HIS A 53 -0.44 -2.35 2.93
CA HIS A 53 0.66 -3.27 2.65
C HIS A 53 0.55 -3.83 1.23
N VAL A 54 1.69 -3.99 0.57
CA VAL A 54 1.73 -4.53 -0.77
C VAL A 54 2.69 -5.71 -0.86
N GLU A 55 2.16 -6.86 -1.25
CA GLU A 55 2.98 -8.07 -1.35
C GLU A 55 2.65 -8.85 -2.62
N ARG A 56 3.62 -9.63 -3.11
CA ARG A 56 3.43 -10.43 -4.31
C ARG A 56 3.13 -11.87 -3.94
N ALA A 57 2.72 -12.66 -4.93
CA ALA A 57 2.39 -14.06 -4.72
C ALA A 57 3.55 -14.96 -5.15
N ALA A 58 4.04 -15.77 -4.21
CA ALA A 58 5.16 -16.68 -4.48
C ALA A 58 5.00 -17.40 -5.81
N THR A 59 3.83 -17.99 -6.04
CA THR A 59 3.57 -18.72 -7.28
C THR A 59 2.97 -17.80 -8.35
N ASP A 60 3.13 -16.49 -8.18
CA ASP A 60 2.61 -15.52 -9.13
C ASP A 60 3.27 -14.17 -8.94
N PRO A 61 4.43 -13.95 -9.60
CA PRO A 61 5.18 -12.69 -9.49
C PRO A 61 4.39 -11.49 -10.02
N LYS A 62 3.31 -11.76 -10.74
CA LYS A 62 2.49 -10.68 -11.31
C LYS A 62 1.28 -10.39 -10.43
N ALA A 63 1.04 -11.23 -9.43
CA ALA A 63 -0.10 -11.05 -8.54
C ALA A 63 0.31 -10.30 -7.27
N VAL A 64 -0.38 -9.21 -6.98
CA VAL A 64 -0.08 -8.42 -5.79
C VAL A 64 -1.27 -8.34 -4.83
N VAL A 65 -0.97 -8.29 -3.54
CA VAL A 65 -1.99 -8.21 -2.51
C VAL A 65 -1.95 -6.84 -1.84
N THR A 66 -3.11 -6.30 -1.49
CA THR A 66 -3.16 -5.00 -0.82
C THR A 66 -4.08 -4.99 0.39
N THR A 67 -3.52 -4.55 1.52
CA THR A 67 -4.28 -4.47 2.76
C THR A 67 -4.37 -3.02 3.24
N TYR A 68 -5.58 -2.54 3.50
CA TYR A 68 -5.78 -1.17 3.94
C TYR A 68 -6.03 -1.10 5.45
N GLU A 69 -5.19 -0.33 6.14
CA GLU A 69 -5.31 -0.16 7.58
C GLU A 69 -5.48 1.31 7.95
N GLY A 70 -6.68 1.68 8.39
CA GLY A 70 -6.94 3.05 8.77
C GLY A 70 -8.18 3.61 8.10
N LYS A 71 -8.28 4.94 8.07
CA LYS A 71 -9.42 5.61 7.46
C LYS A 71 -9.04 7.02 7.00
N HIS A 72 -9.59 7.44 5.86
CA HIS A 72 -9.30 8.75 5.32
C HIS A 72 -10.40 9.74 5.67
N ASN A 73 -10.01 10.85 6.31
CA ASN A 73 -10.96 11.88 6.69
C ASN A 73 -10.84 13.09 5.78
N HIS A 74 -10.76 12.84 4.47
CA HIS A 74 -10.65 13.90 3.48
C HIS A 74 -11.26 13.43 2.17
N ASP A 75 -12.46 12.87 2.27
CA ASP A 75 -13.22 12.38 1.12
C ASP A 75 -12.35 12.23 -0.14
N LEU A 76 -12.91 12.55 -1.30
CA LEU A 76 -12.16 12.46 -2.55
C LEU A 76 -11.51 13.80 -2.90
N PRO A 77 -10.18 13.83 -3.09
CA PRO A 77 -9.46 15.07 -3.41
C PRO A 77 -9.64 15.49 -4.86
N ALA A 78 -10.54 16.43 -5.09
CA ALA A 78 -10.81 16.93 -6.43
C ALA A 78 -9.90 18.10 -6.77
ZN ZN D . -5.89 9.72 2.99
N LEU A 16 1.49 -0.82 -6.12
CA LEU A 16 1.22 0.60 -6.47
C LEU A 16 -0.07 0.74 -7.27
N LEU A 17 -1.16 0.26 -6.70
CA LEU A 17 -2.46 0.33 -7.36
C LEU A 17 -3.29 1.48 -6.78
N ASP A 18 -3.21 2.64 -7.42
CA ASP A 18 -3.96 3.82 -6.97
C ASP A 18 -5.23 4.00 -7.79
N ASP A 19 -6.36 3.66 -7.18
CA ASP A 19 -7.65 3.80 -7.85
C ASP A 19 -8.45 4.96 -7.24
N GLY A 20 -7.72 5.94 -6.73
CA GLY A 20 -8.36 7.10 -6.12
C GLY A 20 -7.81 7.37 -4.74
N TYR A 21 -6.53 7.71 -4.69
CA TYR A 21 -5.87 7.99 -3.41
C TYR A 21 -4.39 8.27 -3.63
N ARG A 22 -3.78 8.97 -2.68
CA ARG A 22 -2.36 9.29 -2.76
C ARG A 22 -1.60 8.55 -1.65
N TRP A 23 -0.62 7.75 -2.05
CA TRP A 23 0.16 6.98 -1.08
C TRP A 23 1.66 7.24 -1.20
N ARG A 24 2.32 7.33 -0.05
CA ARG A 24 3.76 7.59 0.00
C ARG A 24 4.53 6.30 0.30
N LYS A 25 5.43 5.93 -0.60
CA LYS A 25 6.25 4.73 -0.43
C LYS A 25 7.25 4.93 0.71
N TYR A 26 7.42 3.91 1.55
CA TYR A 26 8.36 4.03 2.65
C TYR A 26 8.71 2.69 3.30
N GLY A 27 10.00 2.49 3.55
CA GLY A 27 10.48 1.29 4.20
C GLY A 27 10.58 0.07 3.32
N GLN A 28 11.56 0.04 2.43
CA GLN A 28 11.75 -1.12 1.57
C GLN A 28 12.34 -2.27 2.38
N LYS A 29 11.67 -3.41 2.34
CA LYS A 29 12.14 -4.57 3.11
C LYS A 29 11.64 -5.88 2.48
N VAL A 30 12.34 -6.97 2.79
CA VAL A 30 11.96 -8.28 2.27
C VAL A 30 11.53 -9.19 3.41
N VAL A 31 10.55 -10.04 3.14
CA VAL A 31 10.03 -10.97 4.14
C VAL A 31 10.11 -12.41 3.67
N LYS A 32 10.29 -13.33 4.63
CA LYS A 32 10.38 -14.75 4.34
C LYS A 32 9.00 -15.33 4.09
N GLY A 33 8.94 -16.63 3.81
CA GLY A 33 7.65 -17.26 3.53
C GLY A 33 7.05 -16.74 2.23
N ASN A 34 7.65 -15.68 1.71
CA ASN A 34 7.22 -15.04 0.48
C ASN A 34 8.38 -14.20 -0.05
N PRO A 35 9.58 -14.82 -0.18
CA PRO A 35 10.81 -14.18 -0.64
C PRO A 35 10.58 -13.00 -1.56
N TYR A 36 10.06 -11.92 -1.00
CA TYR A 36 9.79 -10.73 -1.81
C TYR A 36 9.84 -9.46 -0.98
N PRO A 37 10.24 -8.34 -1.61
CA PRO A 37 10.32 -7.04 -0.94
C PRO A 37 8.97 -6.34 -0.87
N ARG A 38 8.56 -5.99 0.33
CA ARG A 38 7.28 -5.31 0.53
C ARG A 38 7.46 -3.80 0.59
N SER A 39 6.36 -3.08 0.44
CA SER A 39 6.39 -1.62 0.47
C SER A 39 5.27 -1.11 1.38
N TYR A 40 5.58 -0.09 2.17
CA TYR A 40 4.59 0.47 3.08
C TYR A 40 4.05 1.79 2.54
N TYR A 41 2.86 1.73 1.94
CA TYR A 41 2.21 2.90 1.37
C TYR A 41 1.15 3.45 2.32
N LYS A 42 1.40 4.64 2.86
CA LYS A 42 0.44 5.26 3.79
C LYS A 42 -0.27 6.44 3.15
N CYS A 43 -1.59 6.33 3.00
CA CYS A 43 -2.40 7.39 2.41
C CYS A 43 -2.30 8.67 3.23
N THR A 44 -1.91 9.75 2.56
CA THR A 44 -1.80 11.05 3.19
C THR A 44 -2.93 11.94 2.70
N THR A 45 -3.38 12.85 3.55
CA THR A 45 -4.44 13.77 3.16
C THR A 45 -4.54 14.89 4.19
N PRO A 46 -4.70 16.14 3.75
CA PRO A 46 -4.80 17.28 4.66
C PRO A 46 -5.89 17.07 5.69
N GLY A 47 -5.56 16.35 6.77
CA GLY A 47 -6.53 16.08 7.81
C GLY A 47 -6.82 14.58 7.94
N CYS A 48 -6.08 13.75 7.21
CA CYS A 48 -6.29 12.30 7.26
C CYS A 48 -4.98 11.51 7.14
N GLY A 49 -5.06 10.25 7.55
CA GLY A 49 -3.92 9.35 7.48
C GLY A 49 -4.33 7.88 7.51
N VAL A 50 -4.06 7.17 6.41
CA VAL A 50 -4.40 5.75 6.31
C VAL A 50 -3.18 4.96 5.83
N ARG A 51 -3.20 3.64 6.04
CA ARG A 51 -2.08 2.80 5.62
C ARG A 51 -2.51 1.72 4.64
N LYS A 52 -1.60 1.39 3.72
CA LYS A 52 -1.84 0.36 2.70
C LYS A 52 -0.58 -0.48 2.50
N HIS A 53 -0.77 -1.78 2.29
CA HIS A 53 0.37 -2.68 2.10
C HIS A 53 0.41 -3.23 0.67
N VAL A 54 1.63 -3.40 0.15
CA VAL A 54 1.82 -3.92 -1.20
C VAL A 54 2.87 -5.03 -1.20
N GLU A 55 2.48 -6.21 -1.67
CA GLU A 55 3.39 -7.36 -1.71
C GLU A 55 3.22 -8.16 -3.00
N ARG A 56 4.27 -8.89 -3.37
CA ARG A 56 4.25 -9.70 -4.58
C ARG A 56 4.12 -11.19 -4.25
N ALA A 57 3.05 -11.81 -4.74
CA ALA A 57 2.77 -13.23 -4.50
C ALA A 57 4.03 -14.10 -4.68
N ALA A 58 4.40 -14.80 -3.61
CA ALA A 58 5.57 -15.67 -3.62
C ALA A 58 5.66 -16.50 -4.90
N THR A 59 4.54 -17.10 -5.29
CA THR A 59 4.49 -17.93 -6.50
C THR A 59 4.22 -17.07 -7.72
N ASP A 60 3.51 -15.97 -7.52
CA ASP A 60 3.16 -15.06 -8.61
C ASP A 60 3.87 -13.71 -8.45
N PRO A 61 5.05 -13.56 -9.09
CA PRO A 61 5.83 -12.31 -9.02
C PRO A 61 5.13 -11.17 -9.73
N LYS A 62 4.11 -11.51 -10.53
CA LYS A 62 3.36 -10.50 -11.29
C LYS A 62 2.10 -10.09 -10.54
N ALA A 63 1.70 -10.89 -9.55
CA ALA A 63 0.50 -10.59 -8.76
C ALA A 63 0.86 -9.78 -7.52
N VAL A 64 0.14 -8.69 -7.30
CA VAL A 64 0.38 -7.84 -6.14
C VAL A 64 -0.80 -7.82 -5.19
N VAL A 65 -0.52 -7.84 -3.89
CA VAL A 65 -1.58 -7.81 -2.88
C VAL A 65 -1.74 -6.40 -2.31
N THR A 66 -2.97 -6.01 -2.03
CA THR A 66 -3.23 -4.68 -1.49
C THR A 66 -4.17 -4.73 -0.28
N THR A 67 -3.63 -4.38 0.88
CA THR A 67 -4.42 -4.36 2.11
C THR A 67 -4.48 -2.95 2.69
N TYR A 68 -5.67 -2.53 3.09
CA TYR A 68 -5.85 -1.19 3.65
C TYR A 68 -5.97 -1.23 5.16
N GLU A 69 -4.98 -0.67 5.84
CA GLU A 69 -4.98 -0.64 7.30
C GLU A 69 -5.70 0.61 7.80
N GLY A 70 -6.95 0.45 8.21
CA GLY A 70 -7.72 1.56 8.70
C GLY A 70 -8.45 2.29 7.58
N LYS A 71 -9.34 3.21 7.95
CA LYS A 71 -10.10 3.97 6.97
C LYS A 71 -9.74 5.44 7.03
N HIS A 72 -10.27 6.22 6.09
CA HIS A 72 -10.00 7.66 6.04
C HIS A 72 -11.21 8.44 6.52
N ASN A 73 -10.97 9.63 7.06
CA ASN A 73 -12.04 10.47 7.53
C ASN A 73 -12.68 11.25 6.37
N HIS A 74 -12.09 11.12 5.18
CA HIS A 74 -12.59 11.79 3.99
C HIS A 74 -12.92 10.76 2.90
N ASP A 75 -14.01 11.01 2.17
CA ASP A 75 -14.42 10.11 1.10
C ASP A 75 -13.26 9.80 0.15
N LEU A 76 -12.74 10.84 -0.49
CA LEU A 76 -11.62 10.71 -1.40
C LEU A 76 -10.94 12.06 -1.62
N PRO A 77 -9.67 12.05 -2.09
CA PRO A 77 -8.93 13.29 -2.34
C PRO A 77 -9.43 14.03 -3.58
N ALA A 78 -10.50 14.80 -3.40
CA ALA A 78 -11.08 15.57 -4.48
C ALA A 78 -10.76 17.06 -4.35
ZN ZN D . -7.19 9.36 2.95
N LEU A 16 1.05 -0.37 -8.42
CA LEU A 16 -0.32 0.17 -8.19
C LEU A 16 -0.42 1.64 -8.61
N LEU A 17 -1.62 2.18 -8.60
CA LEU A 17 -1.84 3.57 -8.98
C LEU A 17 -2.95 4.20 -8.15
N ASP A 18 -2.77 5.46 -7.78
CA ASP A 18 -3.74 6.21 -6.97
C ASP A 18 -5.18 5.81 -7.30
N ASP A 19 -5.85 5.19 -6.32
CA ASP A 19 -7.23 4.75 -6.50
C ASP A 19 -8.21 5.79 -5.98
N GLY A 20 -7.78 7.03 -5.92
CA GLY A 20 -8.64 8.11 -5.45
C GLY A 20 -8.07 8.84 -4.25
N TYR A 21 -7.13 8.19 -3.56
CA TYR A 21 -6.49 8.80 -2.40
C TYR A 21 -4.99 8.94 -2.62
N ARG A 22 -4.40 9.94 -1.97
CA ARG A 22 -2.97 10.19 -2.11
C ARG A 22 -2.16 9.27 -1.20
N TRP A 23 -1.25 8.51 -1.80
CA TRP A 23 -0.41 7.58 -1.05
C TRP A 23 1.06 7.88 -1.28
N ARG A 24 1.85 7.78 -0.21
CA ARG A 24 3.28 8.06 -0.31
C ARG A 24 4.10 6.84 0.12
N LYS A 25 4.83 6.27 -0.84
CA LYS A 25 5.66 5.11 -0.58
C LYS A 25 6.61 5.37 0.59
N TYR A 26 6.92 4.33 1.36
CA TYR A 26 7.81 4.47 2.50
C TYR A 26 8.35 3.12 2.97
N GLY A 27 9.66 3.07 3.16
CA GLY A 27 10.31 1.86 3.61
C GLY A 27 10.47 0.83 2.50
N GLN A 28 11.11 -0.28 2.81
CA GLN A 28 11.33 -1.35 1.84
C GLN A 28 12.06 -2.52 2.49
N LYS A 29 11.33 -3.60 2.75
CA LYS A 29 11.91 -4.78 3.38
C LYS A 29 11.72 -6.01 2.49
N VAL A 30 12.54 -7.02 2.70
CA VAL A 30 12.44 -8.25 1.92
C VAL A 30 12.07 -9.42 2.82
N VAL A 31 11.24 -10.33 2.32
CA VAL A 31 10.81 -11.48 3.11
C VAL A 31 11.04 -12.80 2.37
N LYS A 32 11.36 -13.83 3.15
CA LYS A 32 11.59 -15.17 2.62
C LYS A 32 10.26 -15.88 2.40
N GLY A 33 10.32 -17.13 1.91
CA GLY A 33 9.10 -17.88 1.65
C GLY A 33 8.29 -17.24 0.53
N ASN A 34 8.72 -16.05 0.12
CA ASN A 34 8.10 -15.29 -0.95
C ASN A 34 9.11 -14.26 -1.44
N PRO A 35 10.33 -14.73 -1.80
CA PRO A 35 11.44 -13.91 -2.27
C PRO A 35 11.01 -12.63 -2.96
N TYR A 36 10.50 -11.67 -2.18
CA TYR A 36 10.04 -10.42 -2.75
C TYR A 36 10.10 -9.28 -1.73
N PRO A 37 10.42 -8.06 -2.20
CA PRO A 37 10.51 -6.88 -1.35
C PRO A 37 9.13 -6.25 -1.12
N ARG A 38 8.81 -6.02 0.15
CA ARG A 38 7.53 -5.42 0.50
C ARG A 38 7.62 -3.90 0.50
N SER A 39 6.48 -3.25 0.37
CA SER A 39 6.42 -1.80 0.36
C SER A 39 5.33 -1.30 1.30
N TYR A 40 5.59 -0.22 2.01
CA TYR A 40 4.62 0.34 2.95
C TYR A 40 4.07 1.66 2.44
N TYR A 41 2.88 1.63 1.87
CA TYR A 41 2.25 2.84 1.35
C TYR A 41 1.28 3.42 2.36
N LYS A 42 1.47 4.69 2.70
CA LYS A 42 0.60 5.36 3.68
C LYS A 42 -0.13 6.54 3.06
N CYS A 43 -1.42 6.65 3.38
CA CYS A 43 -2.24 7.74 2.87
C CYS A 43 -2.17 8.93 3.82
N THR A 44 -1.97 10.12 3.26
CA THR A 44 -1.90 11.34 4.05
C THR A 44 -3.10 12.22 3.74
N THR A 45 -3.54 13.01 4.71
CA THR A 45 -4.67 13.90 4.51
C THR A 45 -4.80 14.85 5.68
N PRO A 46 -5.12 16.14 5.43
CA PRO A 46 -5.26 17.13 6.48
C PRO A 46 -6.24 16.69 7.57
N GLY A 47 -5.74 15.88 8.51
CA GLY A 47 -6.58 15.39 9.59
C GLY A 47 -6.81 13.89 9.53
N CYS A 48 -6.22 13.23 8.53
CA CYS A 48 -6.38 11.79 8.38
C CYS A 48 -5.05 11.09 8.09
N GLY A 49 -4.97 9.83 8.51
CA GLY A 49 -3.78 9.04 8.30
C GLY A 49 -4.08 7.55 8.23
N VAL A 50 -4.02 6.99 7.03
CA VAL A 50 -4.29 5.57 6.82
C VAL A 50 -3.13 4.91 6.09
N ARG A 51 -3.03 3.59 6.18
CA ARG A 51 -1.94 2.88 5.52
C ARG A 51 -2.44 1.60 4.87
N LYS A 52 -1.62 1.06 3.95
CA LYS A 52 -1.94 -0.16 3.24
C LYS A 52 -0.66 -0.90 2.90
N HIS A 53 -0.76 -2.21 2.67
CA HIS A 53 0.42 -3.01 2.36
C HIS A 53 0.39 -3.51 0.92
N VAL A 54 1.57 -3.63 0.33
CA VAL A 54 1.69 -4.10 -1.05
C VAL A 54 2.80 -5.14 -1.16
N GLU A 55 2.46 -6.33 -1.63
CA GLU A 55 3.44 -7.41 -1.75
C GLU A 55 3.22 -8.21 -3.04
N ARG A 56 4.26 -8.92 -3.46
CA ARG A 56 4.19 -9.74 -4.66
C ARG A 56 3.99 -11.21 -4.31
N ALA A 57 3.48 -11.98 -5.26
CA ALA A 57 3.22 -13.40 -5.05
C ALA A 57 4.39 -14.26 -5.54
N ALA A 58 4.87 -15.14 -4.67
CA ALA A 58 5.99 -16.03 -5.01
C ALA A 58 5.59 -17.06 -6.07
N THR A 59 4.29 -17.13 -6.37
CA THR A 59 3.80 -18.07 -7.38
C THR A 59 3.12 -17.33 -8.52
N ASP A 60 3.44 -16.04 -8.66
CA ASP A 60 2.86 -15.21 -9.71
C ASP A 60 3.29 -13.76 -9.54
N PRO A 61 4.37 -13.33 -10.22
CA PRO A 61 4.87 -11.95 -10.12
C PRO A 61 3.85 -10.93 -10.61
N LYS A 62 2.86 -11.39 -11.36
CA LYS A 62 1.82 -10.51 -11.89
C LYS A 62 0.72 -10.26 -10.84
N ALA A 63 0.65 -11.13 -9.83
CA ALA A 63 -0.35 -10.98 -8.79
C ALA A 63 0.20 -10.19 -7.60
N VAL A 64 -0.48 -9.10 -7.25
CA VAL A 64 -0.06 -8.27 -6.14
C VAL A 64 -1.08 -8.31 -5.00
N VAL A 65 -0.58 -8.32 -3.77
CA VAL A 65 -1.44 -8.36 -2.59
C VAL A 65 -1.57 -6.97 -1.98
N THR A 66 -2.78 -6.58 -1.61
CA THR A 66 -3.01 -5.27 -0.99
C THR A 66 -3.87 -5.37 0.25
N THR A 67 -3.34 -4.91 1.37
CA THR A 67 -4.08 -4.92 2.63
C THR A 67 -4.40 -3.50 3.08
N TYR A 68 -5.68 -3.25 3.35
CA TYR A 68 -6.11 -1.91 3.78
C TYR A 68 -6.47 -1.89 5.26
N GLU A 69 -5.81 -1.01 6.00
CA GLU A 69 -6.06 -0.87 7.43
C GLU A 69 -6.23 0.59 7.81
N GLY A 70 -7.39 0.92 8.38
CA GLY A 70 -7.65 2.29 8.77
C GLY A 70 -8.67 2.97 7.87
N LYS A 71 -9.63 3.65 8.48
CA LYS A 71 -10.67 4.34 7.72
C LYS A 71 -10.27 5.79 7.45
N HIS A 72 -10.93 6.40 6.47
CA HIS A 72 -10.65 7.78 6.10
C HIS A 72 -11.82 8.69 6.47
N ASN A 73 -11.51 9.82 7.12
CA ASN A 73 -12.53 10.77 7.52
C ASN A 73 -12.47 12.03 6.67
N HIS A 74 -12.48 11.84 5.35
CA HIS A 74 -12.42 12.97 4.42
C HIS A 74 -12.94 12.58 3.05
N ASP A 75 -13.47 13.55 2.32
CA ASP A 75 -13.99 13.33 0.97
C ASP A 75 -12.96 12.62 0.11
N LEU A 76 -11.91 13.36 -0.24
CA LEU A 76 -10.82 12.84 -1.06
C LEU A 76 -10.00 14.00 -1.63
N PRO A 77 -8.74 13.74 -2.07
CA PRO A 77 -7.87 14.76 -2.64
C PRO A 77 -8.16 15.01 -4.12
N ALA A 78 -9.26 15.68 -4.40
CA ALA A 78 -9.66 15.97 -5.77
C ALA A 78 -8.64 16.89 -6.43
ZN ZN D . -7.04 9.33 3.73
#